data_1QZD
# 
_entry.id   1QZD 
# 
_audit_conform.dict_name       mmcif_pdbx.dic 
_audit_conform.dict_version    5.386 
_audit_conform.dict_location   http://mmcif.pdb.org/dictionaries/ascii/mmcif_pdbx.dic 
# 
loop_
_database_2.database_id 
_database_2.database_code 
_database_2.pdbx_database_accession 
_database_2.pdbx_DOI 
PDB   1QZD         pdb_00001qzd 10.2210/pdb1qzd/pdb 
RCSB  RCSB020254   ?            ?                   
WWPDB D_1000020254 ?            ?                   
# 
loop_
_pdbx_audit_revision_history.ordinal 
_pdbx_audit_revision_history.data_content_type 
_pdbx_audit_revision_history.major_revision 
_pdbx_audit_revision_history.minor_revision 
_pdbx_audit_revision_history.revision_date 
1 'Structure model' 1 0 2003-11-04 
2 'Structure model' 1 1 2008-04-29 
3 'Structure model' 1 2 2011-07-13 
4 'Structure model' 1 3 2018-07-18 
5 'Structure model' 1 4 2024-02-14 
# 
_pdbx_audit_revision_details.ordinal             1 
_pdbx_audit_revision_details.revision_ordinal    1 
_pdbx_audit_revision_details.data_content_type   'Structure model' 
_pdbx_audit_revision_details.provider            repository 
_pdbx_audit_revision_details.type                'Initial release' 
_pdbx_audit_revision_details.description         ? 
_pdbx_audit_revision_details.details             ? 
# 
loop_
_pdbx_audit_revision_group.ordinal 
_pdbx_audit_revision_group.revision_ordinal 
_pdbx_audit_revision_group.data_content_type 
_pdbx_audit_revision_group.group 
1 2 'Structure model' 'Version format compliance' 
2 3 'Structure model' 'Version format compliance' 
3 4 'Structure model' 'Data collection'           
4 5 'Structure model' 'Data collection'           
5 5 'Structure model' 'Database references'       
6 5 'Structure model' 'Refinement description'    
# 
loop_
_pdbx_audit_revision_category.ordinal 
_pdbx_audit_revision_category.revision_ordinal 
_pdbx_audit_revision_category.data_content_type 
_pdbx_audit_revision_category.category 
1 4 'Structure model' em_image_scans                
2 4 'Structure model' em_software                   
3 5 'Structure model' chem_comp_atom                
4 5 'Structure model' chem_comp_bond                
5 5 'Structure model' database_2                    
6 5 'Structure model' em_3d_fitting_list            
7 5 'Structure model' pdbx_initial_refinement_model 
# 
loop_
_pdbx_audit_revision_item.ordinal 
_pdbx_audit_revision_item.revision_ordinal 
_pdbx_audit_revision_item.data_content_type 
_pdbx_audit_revision_item.item 
1 4 'Structure model' '_em_software.image_processing_id'                
2 5 'Structure model' '_database_2.pdbx_DOI'                            
3 5 'Structure model' '_database_2.pdbx_database_accession'             
4 5 'Structure model' '_em_3d_fitting_list.accession_code'              
5 5 'Structure model' '_em_3d_fitting_list.initial_refinement_model_id' 
6 5 'Structure model' '_em_3d_fitting_list.source_name'                 
7 5 'Structure model' '_em_3d_fitting_list.type'                        
# 
_pdbx_database_status.status_code                     REL 
_pdbx_database_status.entry_id                        1QZD 
_pdbx_database_status.recvd_initial_deposition_date   2003-09-16 
_pdbx_database_status.deposit_site                    RCSB 
_pdbx_database_status.process_site                    RCSB 
_pdbx_database_status.SG_entry                        . 
_pdbx_database_status.status_code_sf                  ? 
_pdbx_database_status.status_code_mr                  ? 
_pdbx_database_status.pdb_format_compatible           Y 
_pdbx_database_status.status_code_cs                  ? 
_pdbx_database_status.methods_development_category    ? 
_pdbx_database_status.status_code_nmr_data            ? 
# 
loop_
_pdbx_database_related.db_name 
_pdbx_database_related.db_id 
_pdbx_database_related.details 
_pdbx_database_related.content_type 
PDB  1OB2     'E. coli elongation factor EF-Tu complexed with the antibiotic kirromycin, a GTP analog, and Phe-tRNA' unspecified 
PDB  1QZA     
'Coordinates of the A/T site tRNA model fitted into the cryo-EM map of EF-Tu ternary complex (GDP.Kirromycin) bound 70S ribosome' 
unspecified            
PDB  1QZB     'Coordinates of the A-site tRNA model fitted into the cryo-EM map of 70S ribosome in the pre-translocational state' 
unspecified            
PDB  1QZC     
;Coordinates of S12, SH44, LH69 and SRL separately fitted into the cryo-EM map of EF-Tu ternary complex (GDP.Kirromycin)bound 70S ribosome
;
unspecified            
PDB  1R2W     'COORDINATES OF L11 WITH 58NTS OF 23S RRNA FITTED INTO THE CRYO-EM MAP OF THE 70S RIBOSOME' unspecified            
PDB  1R2X     
'COORDINATES OF L11 WITH 58NTS OF 23S RRNA FITTED INTO THE CRYO-EM MAP OF EF-TU TERNARY COMPLEX (GDP.KIRROMYCIN) BOUND 70S RIBOSOME' 
unspecified            
EMDB EMD-1055 . 'associated EM volume' 
# 
loop_
_audit_author.name 
_audit_author.pdbx_ordinal 
'Valle, M.'     1  
'Zavialov, A.'  2  
'Li, W.'        3  
'Stagg, S.M.'   4  
'Sengupta, J.'  5  
'Nielsen, R.C.' 6  
'Nissen, P.'    7  
'Harvey, S.C.'  8  
'Ehrenberg, M.' 9  
'Frank, J.'     10 
# 
_citation.id                        primary 
_citation.title                     'Incorporation of Aminoacyl-tRNA into the Ribosome as seen by Cryo-electron Microscopy' 
_citation.journal_abbrev            Nat.Struct.Biol. 
_citation.journal_volume            10 
_citation.page_first                899 
_citation.page_last                 906 
_citation.year                      2003 
_citation.journal_id_ASTM           NSBIEW 
_citation.country                   US 
_citation.journal_id_ISSN           1072-8368 
_citation.journal_id_CSD            2024 
_citation.book_publisher            ? 
_citation.pdbx_database_id_PubMed   14566331 
_citation.pdbx_database_id_DOI      10.1038/nsb1003 
# 
loop_
_citation_author.citation_id 
_citation_author.name 
_citation_author.ordinal 
_citation_author.identifier_ORCID 
primary 'Valle, M.'     1  ? 
primary 'Zavialov, A.'  2  ? 
primary 'Li, W.'        3  ? 
primary 'Stagg, S.M.'   4  ? 
primary 'Sengupta, J.'  5  ? 
primary 'Nielsen, R.C.' 6  ? 
primary 'Nissen, P.'    7  ? 
primary 'Harvey, S.C.'  8  ? 
primary 'Ehrenberg, M.' 9  ? 
primary 'Frank, J.'     10 ? 
# 
_entity.id                         1 
_entity.type                       polymer 
_entity.src_method                 nat 
_entity.pdbx_description           'Elongation factor Tu' 
_entity.formula_weight             43239.297 
_entity.pdbx_number_of_molecules   1 
_entity.pdbx_ec                    ? 
_entity.pdbx_mutation              ? 
_entity.pdbx_fragment              ? 
_entity.details                    ? 
# 
_entity_name_com.entity_id   1 
_entity_name_com.name        'EF-Tu, P-43' 
# 
_entity_poly.entity_id                      1 
_entity_poly.type                           'polypeptide(L)' 
_entity_poly.nstd_linkage                   no 
_entity_poly.nstd_monomer                   no 
_entity_poly.pdbx_seq_one_letter_code       
;SKEKFERTKPHVNVGTIGHVDHGKTTLTAAITTVLAKTYGGAARAFDQIDNAPEEKARGITINTSHVEYDTPTRHYAHVD
CPGHADYVKNMITGAAQMDGAILVVAATDGPMPQTREHILLGRQVGVPYIIVFLNKCDMVDDEELLELVEMEVRELLSQY
DFPGDDTPIVRGSALKALEGDAEWEAKILELAGFLDSYIPEPERAIDKPFLLPIEDVFSISGRGTVVTGRVERGIIKVGE
EVEIVGIKETQKSTCTGVEMFRKLLDEGRAGENVGVLLRGIKREEIERGQVLAKPGTIKPHTKFESEVYILSKDEGGRHT
PFFKGYRPQFYFRTTDVTGTIELPEGVEMVMPGDNIKMVVTLIHPIAMDDGLRFAIREGGRTVGAGVVAKVLS
;
_entity_poly.pdbx_seq_one_letter_code_can   
;SKEKFERTKPHVNVGTIGHVDHGKTTLTAAITTVLAKTYGGAARAFDQIDNAPEEKARGITINTSHVEYDTPTRHYAHVD
CPGHADYVKNMITGAAQMDGAILVVAATDGPMPQTREHILLGRQVGVPYIIVFLNKCDMVDDEELLELVEMEVRELLSQY
DFPGDDTPIVRGSALKALEGDAEWEAKILELAGFLDSYIPEPERAIDKPFLLPIEDVFSISGRGTVVTGRVERGIIKVGE
EVEIVGIKETQKSTCTGVEMFRKLLDEGRAGENVGVLLRGIKREEIERGQVLAKPGTIKPHTKFESEVYILSKDEGGRHT
PFFKGYRPQFYFRTTDVTGTIELPEGVEMVMPGDNIKMVVTLIHPIAMDDGLRFAIREGGRTVGAGVVAKVLS
;
_entity_poly.pdbx_strand_id                 A 
_entity_poly.pdbx_target_identifier         ? 
# 
loop_
_entity_poly_seq.entity_id 
_entity_poly_seq.num 
_entity_poly_seq.mon_id 
_entity_poly_seq.hetero 
1 1   SER n 
1 2   LYS n 
1 3   GLU n 
1 4   LYS n 
1 5   PHE n 
1 6   GLU n 
1 7   ARG n 
1 8   THR n 
1 9   LYS n 
1 10  PRO n 
1 11  HIS n 
1 12  VAL n 
1 13  ASN n 
1 14  VAL n 
1 15  GLY n 
1 16  THR n 
1 17  ILE n 
1 18  GLY n 
1 19  HIS n 
1 20  VAL n 
1 21  ASP n 
1 22  HIS n 
1 23  GLY n 
1 24  LYS n 
1 25  THR n 
1 26  THR n 
1 27  LEU n 
1 28  THR n 
1 29  ALA n 
1 30  ALA n 
1 31  ILE n 
1 32  THR n 
1 33  THR n 
1 34  VAL n 
1 35  LEU n 
1 36  ALA n 
1 37  LYS n 
1 38  THR n 
1 39  TYR n 
1 40  GLY n 
1 41  GLY n 
1 42  ALA n 
1 43  ALA n 
1 44  ARG n 
1 45  ALA n 
1 46  PHE n 
1 47  ASP n 
1 48  GLN n 
1 49  ILE n 
1 50  ASP n 
1 51  ASN n 
1 52  ALA n 
1 53  PRO n 
1 54  GLU n 
1 55  GLU n 
1 56  LYS n 
1 57  ALA n 
1 58  ARG n 
1 59  GLY n 
1 60  ILE n 
1 61  THR n 
1 62  ILE n 
1 63  ASN n 
1 64  THR n 
1 65  SER n 
1 66  HIS n 
1 67  VAL n 
1 68  GLU n 
1 69  TYR n 
1 70  ASP n 
1 71  THR n 
1 72  PRO n 
1 73  THR n 
1 74  ARG n 
1 75  HIS n 
1 76  TYR n 
1 77  ALA n 
1 78  HIS n 
1 79  VAL n 
1 80  ASP n 
1 81  CYS n 
1 82  PRO n 
1 83  GLY n 
1 84  HIS n 
1 85  ALA n 
1 86  ASP n 
1 87  TYR n 
1 88  VAL n 
1 89  LYS n 
1 90  ASN n 
1 91  MET n 
1 92  ILE n 
1 93  THR n 
1 94  GLY n 
1 95  ALA n 
1 96  ALA n 
1 97  GLN n 
1 98  MET n 
1 99  ASP n 
1 100 GLY n 
1 101 ALA n 
1 102 ILE n 
1 103 LEU n 
1 104 VAL n 
1 105 VAL n 
1 106 ALA n 
1 107 ALA n 
1 108 THR n 
1 109 ASP n 
1 110 GLY n 
1 111 PRO n 
1 112 MET n 
1 113 PRO n 
1 114 GLN n 
1 115 THR n 
1 116 ARG n 
1 117 GLU n 
1 118 HIS n 
1 119 ILE n 
1 120 LEU n 
1 121 LEU n 
1 122 GLY n 
1 123 ARG n 
1 124 GLN n 
1 125 VAL n 
1 126 GLY n 
1 127 VAL n 
1 128 PRO n 
1 129 TYR n 
1 130 ILE n 
1 131 ILE n 
1 132 VAL n 
1 133 PHE n 
1 134 LEU n 
1 135 ASN n 
1 136 LYS n 
1 137 CYS n 
1 138 ASP n 
1 139 MET n 
1 140 VAL n 
1 141 ASP n 
1 142 ASP n 
1 143 GLU n 
1 144 GLU n 
1 145 LEU n 
1 146 LEU n 
1 147 GLU n 
1 148 LEU n 
1 149 VAL n 
1 150 GLU n 
1 151 MET n 
1 152 GLU n 
1 153 VAL n 
1 154 ARG n 
1 155 GLU n 
1 156 LEU n 
1 157 LEU n 
1 158 SER n 
1 159 GLN n 
1 160 TYR n 
1 161 ASP n 
1 162 PHE n 
1 163 PRO n 
1 164 GLY n 
1 165 ASP n 
1 166 ASP n 
1 167 THR n 
1 168 PRO n 
1 169 ILE n 
1 170 VAL n 
1 171 ARG n 
1 172 GLY n 
1 173 SER n 
1 174 ALA n 
1 175 LEU n 
1 176 LYS n 
1 177 ALA n 
1 178 LEU n 
1 179 GLU n 
1 180 GLY n 
1 181 ASP n 
1 182 ALA n 
1 183 GLU n 
1 184 TRP n 
1 185 GLU n 
1 186 ALA n 
1 187 LYS n 
1 188 ILE n 
1 189 LEU n 
1 190 GLU n 
1 191 LEU n 
1 192 ALA n 
1 193 GLY n 
1 194 PHE n 
1 195 LEU n 
1 196 ASP n 
1 197 SER n 
1 198 TYR n 
1 199 ILE n 
1 200 PRO n 
1 201 GLU n 
1 202 PRO n 
1 203 GLU n 
1 204 ARG n 
1 205 ALA n 
1 206 ILE n 
1 207 ASP n 
1 208 LYS n 
1 209 PRO n 
1 210 PHE n 
1 211 LEU n 
1 212 LEU n 
1 213 PRO n 
1 214 ILE n 
1 215 GLU n 
1 216 ASP n 
1 217 VAL n 
1 218 PHE n 
1 219 SER n 
1 220 ILE n 
1 221 SER n 
1 222 GLY n 
1 223 ARG n 
1 224 GLY n 
1 225 THR n 
1 226 VAL n 
1 227 VAL n 
1 228 THR n 
1 229 GLY n 
1 230 ARG n 
1 231 VAL n 
1 232 GLU n 
1 233 ARG n 
1 234 GLY n 
1 235 ILE n 
1 236 ILE n 
1 237 LYS n 
1 238 VAL n 
1 239 GLY n 
1 240 GLU n 
1 241 GLU n 
1 242 VAL n 
1 243 GLU n 
1 244 ILE n 
1 245 VAL n 
1 246 GLY n 
1 247 ILE n 
1 248 LYS n 
1 249 GLU n 
1 250 THR n 
1 251 GLN n 
1 252 LYS n 
1 253 SER n 
1 254 THR n 
1 255 CYS n 
1 256 THR n 
1 257 GLY n 
1 258 VAL n 
1 259 GLU n 
1 260 MET n 
1 261 PHE n 
1 262 ARG n 
1 263 LYS n 
1 264 LEU n 
1 265 LEU n 
1 266 ASP n 
1 267 GLU n 
1 268 GLY n 
1 269 ARG n 
1 270 ALA n 
1 271 GLY n 
1 272 GLU n 
1 273 ASN n 
1 274 VAL n 
1 275 GLY n 
1 276 VAL n 
1 277 LEU n 
1 278 LEU n 
1 279 ARG n 
1 280 GLY n 
1 281 ILE n 
1 282 LYS n 
1 283 ARG n 
1 284 GLU n 
1 285 GLU n 
1 286 ILE n 
1 287 GLU n 
1 288 ARG n 
1 289 GLY n 
1 290 GLN n 
1 291 VAL n 
1 292 LEU n 
1 293 ALA n 
1 294 LYS n 
1 295 PRO n 
1 296 GLY n 
1 297 THR n 
1 298 ILE n 
1 299 LYS n 
1 300 PRO n 
1 301 HIS n 
1 302 THR n 
1 303 LYS n 
1 304 PHE n 
1 305 GLU n 
1 306 SER n 
1 307 GLU n 
1 308 VAL n 
1 309 TYR n 
1 310 ILE n 
1 311 LEU n 
1 312 SER n 
1 313 LYS n 
1 314 ASP n 
1 315 GLU n 
1 316 GLY n 
1 317 GLY n 
1 318 ARG n 
1 319 HIS n 
1 320 THR n 
1 321 PRO n 
1 322 PHE n 
1 323 PHE n 
1 324 LYS n 
1 325 GLY n 
1 326 TYR n 
1 327 ARG n 
1 328 PRO n 
1 329 GLN n 
1 330 PHE n 
1 331 TYR n 
1 332 PHE n 
1 333 ARG n 
1 334 THR n 
1 335 THR n 
1 336 ASP n 
1 337 VAL n 
1 338 THR n 
1 339 GLY n 
1 340 THR n 
1 341 ILE n 
1 342 GLU n 
1 343 LEU n 
1 344 PRO n 
1 345 GLU n 
1 346 GLY n 
1 347 VAL n 
1 348 GLU n 
1 349 MET n 
1 350 VAL n 
1 351 MET n 
1 352 PRO n 
1 353 GLY n 
1 354 ASP n 
1 355 ASN n 
1 356 ILE n 
1 357 LYS n 
1 358 MET n 
1 359 VAL n 
1 360 VAL n 
1 361 THR n 
1 362 LEU n 
1 363 ILE n 
1 364 HIS n 
1 365 PRO n 
1 366 ILE n 
1 367 ALA n 
1 368 MET n 
1 369 ASP n 
1 370 ASP n 
1 371 GLY n 
1 372 LEU n 
1 373 ARG n 
1 374 PHE n 
1 375 ALA n 
1 376 ILE n 
1 377 ARG n 
1 378 GLU n 
1 379 GLY n 
1 380 GLY n 
1 381 ARG n 
1 382 THR n 
1 383 VAL n 
1 384 GLY n 
1 385 ALA n 
1 386 GLY n 
1 387 VAL n 
1 388 VAL n 
1 389 ALA n 
1 390 LYS n 
1 391 VAL n 
1 392 LEU n 
1 393 SER n 
# 
_entity_src_nat.entity_id                  1 
_entity_src_nat.pdbx_src_id                1 
_entity_src_nat.pdbx_alt_source_flag       sample 
_entity_src_nat.pdbx_beg_seq_num           ? 
_entity_src_nat.pdbx_end_seq_num           ? 
_entity_src_nat.common_name                ? 
_entity_src_nat.pdbx_organism_scientific   'Escherichia coli' 
_entity_src_nat.pdbx_ncbi_taxonomy_id      562 
_entity_src_nat.genus                      Escherichia 
_entity_src_nat.species                    ? 
_entity_src_nat.strain                     ? 
_entity_src_nat.tissue                     ? 
_entity_src_nat.tissue_fraction            ? 
_entity_src_nat.pdbx_secretion             ? 
_entity_src_nat.pdbx_fragment              ? 
_entity_src_nat.pdbx_variant               ? 
_entity_src_nat.pdbx_cell_line             ? 
_entity_src_nat.pdbx_atcc                  ? 
_entity_src_nat.pdbx_cellular_location     ? 
_entity_src_nat.pdbx_organ                 ? 
_entity_src_nat.pdbx_organelle             ? 
_entity_src_nat.pdbx_cell                  ? 
_entity_src_nat.pdbx_plasmid_name          ? 
_entity_src_nat.pdbx_plasmid_details       ? 
_entity_src_nat.details                    ? 
# 
loop_
_chem_comp.id 
_chem_comp.type 
_chem_comp.mon_nstd_flag 
_chem_comp.name 
_chem_comp.pdbx_synonyms 
_chem_comp.formula 
_chem_comp.formula_weight 
ALA 'L-peptide linking' y ALANINE         ? 'C3 H7 N O2'     89.093  
ARG 'L-peptide linking' y ARGININE        ? 'C6 H15 N4 O2 1' 175.209 
ASN 'L-peptide linking' y ASPARAGINE      ? 'C4 H8 N2 O3'    132.118 
ASP 'L-peptide linking' y 'ASPARTIC ACID' ? 'C4 H7 N O4'     133.103 
CYS 'L-peptide linking' y CYSTEINE        ? 'C3 H7 N O2 S'   121.158 
GLN 'L-peptide linking' y GLUTAMINE       ? 'C5 H10 N2 O3'   146.144 
GLU 'L-peptide linking' y 'GLUTAMIC ACID' ? 'C5 H9 N O4'     147.129 
GLY 'peptide linking'   y GLYCINE         ? 'C2 H5 N O2'     75.067  
HIS 'L-peptide linking' y HISTIDINE       ? 'C6 H10 N3 O2 1' 156.162 
ILE 'L-peptide linking' y ISOLEUCINE      ? 'C6 H13 N O2'    131.173 
LEU 'L-peptide linking' y LEUCINE         ? 'C6 H13 N O2'    131.173 
LYS 'L-peptide linking' y LYSINE          ? 'C6 H15 N2 O2 1' 147.195 
MET 'L-peptide linking' y METHIONINE      ? 'C5 H11 N O2 S'  149.211 
PHE 'L-peptide linking' y PHENYLALANINE   ? 'C9 H11 N O2'    165.189 
PRO 'L-peptide linking' y PROLINE         ? 'C5 H9 N O2'     115.130 
SER 'L-peptide linking' y SERINE          ? 'C3 H7 N O3'     105.093 
THR 'L-peptide linking' y THREONINE       ? 'C4 H9 N O3'     119.119 
TRP 'L-peptide linking' y TRYPTOPHAN      ? 'C11 H12 N2 O2'  204.225 
TYR 'L-peptide linking' y TYROSINE        ? 'C9 H11 N O3'    181.189 
VAL 'L-peptide linking' y VALINE          ? 'C5 H11 N O2'    117.146 
# 
loop_
_pdbx_poly_seq_scheme.asym_id 
_pdbx_poly_seq_scheme.entity_id 
_pdbx_poly_seq_scheme.seq_id 
_pdbx_poly_seq_scheme.mon_id 
_pdbx_poly_seq_scheme.ndb_seq_num 
_pdbx_poly_seq_scheme.pdb_seq_num 
_pdbx_poly_seq_scheme.auth_seq_num 
_pdbx_poly_seq_scheme.pdb_mon_id 
_pdbx_poly_seq_scheme.auth_mon_id 
_pdbx_poly_seq_scheme.pdb_strand_id 
_pdbx_poly_seq_scheme.pdb_ins_code 
_pdbx_poly_seq_scheme.hetero 
A 1 1   SER 1   1   1   SER ALA A . n 
A 1 2   LYS 2   2   2   LYS LYS A . n 
A 1 3   GLU 3   3   3   GLU GLU A . n 
A 1 4   LYS 4   4   4   LYS LYS A . n 
A 1 5   PHE 5   5   5   PHE PHE A . n 
A 1 6   GLU 6   6   6   GLU GLU A . n 
A 1 7   ARG 7   7   7   ARG ARG A . n 
A 1 8   THR 8   8   8   THR THR A . n 
A 1 9   LYS 9   9   9   LYS LYS A . n 
A 1 10  PRO 10  10  10  PRO PRO A . n 
A 1 11  HIS 11  11  11  HIS HIS A . n 
A 1 12  VAL 12  12  12  VAL VAL A . n 
A 1 13  ASN 13  13  13  ASN ASN A . n 
A 1 14  VAL 14  14  14  VAL VAL A . n 
A 1 15  GLY 15  15  15  GLY GLY A . n 
A 1 16  THR 16  16  16  THR THR A . n 
A 1 17  ILE 17  17  17  ILE ILE A . n 
A 1 18  GLY 18  18  18  GLY GLY A . n 
A 1 19  HIS 19  19  19  HIS HIS A . n 
A 1 20  VAL 20  20  20  VAL VAL A . n 
A 1 21  ASP 21  21  21  ASP ASP A . n 
A 1 22  HIS 22  22  22  HIS HIS A . n 
A 1 23  GLY 23  23  23  GLY GLY A . n 
A 1 24  LYS 24  24  24  LYS LYS A . n 
A 1 25  THR 25  25  25  THR THR A . n 
A 1 26  THR 26  26  26  THR THR A . n 
A 1 27  LEU 27  27  27  LEU LEU A . n 
A 1 28  THR 28  28  28  THR THR A . n 
A 1 29  ALA 29  29  29  ALA ALA A . n 
A 1 30  ALA 30  30  30  ALA ALA A . n 
A 1 31  ILE 31  31  31  ILE ILE A . n 
A 1 32  THR 32  32  32  THR THR A . n 
A 1 33  THR 33  33  33  THR THR A . n 
A 1 34  VAL 34  34  34  VAL VAL A . n 
A 1 35  LEU 35  35  35  LEU LEU A . n 
A 1 36  ALA 36  36  36  ALA ALA A . n 
A 1 37  LYS 37  37  37  LYS LYS A . n 
A 1 38  THR 38  38  38  THR THR A . n 
A 1 39  TYR 39  39  39  TYR TYR A . n 
A 1 40  GLY 40  40  40  GLY GLY A . n 
A 1 41  GLY 41  41  41  GLY GLY A . n 
A 1 42  ALA 42  42  42  ALA ALA A . n 
A 1 43  ALA 43  43  43  ALA ALA A . n 
A 1 44  ARG 44  44  44  ARG ARG A . n 
A 1 45  ALA 45  45  45  ALA ALA A . n 
A 1 46  PHE 46  46  46  PHE PHE A . n 
A 1 47  ASP 47  47  47  ASP ASP A . n 
A 1 48  GLN 48  48  48  GLN GLN A . n 
A 1 49  ILE 49  49  49  ILE ILE A . n 
A 1 50  ASP 50  50  50  ASP ASP A . n 
A 1 51  ASN 51  51  51  ASN ASN A . n 
A 1 52  ALA 52  52  52  ALA ALA A . n 
A 1 53  PRO 53  53  53  PRO PRO A . n 
A 1 54  GLU 54  54  54  GLU GLU A . n 
A 1 55  GLU 55  55  55  GLU GLU A . n 
A 1 56  LYS 56  56  56  LYS LYS A . n 
A 1 57  ALA 57  57  57  ALA ALA A . n 
A 1 58  ARG 58  58  58  ARG ARG A . n 
A 1 59  GLY 59  59  59  GLY GLY A . n 
A 1 60  ILE 60  60  60  ILE ILE A . n 
A 1 61  THR 61  61  61  THR THR A . n 
A 1 62  ILE 62  62  62  ILE ILE A . n 
A 1 63  ASN 63  63  63  ASN ASN A . n 
A 1 64  THR 64  64  64  THR THR A . n 
A 1 65  SER 65  65  65  SER SER A . n 
A 1 66  HIS 66  66  66  HIS HIS A . n 
A 1 67  VAL 67  67  67  VAL VAL A . n 
A 1 68  GLU 68  68  68  GLU GLU A . n 
A 1 69  TYR 69  69  69  TYR TYR A . n 
A 1 70  ASP 70  70  70  ASP ASP A . n 
A 1 71  THR 71  71  71  THR THR A . n 
A 1 72  PRO 72  72  72  PRO PRO A . n 
A 1 73  THR 73  73  73  THR THR A . n 
A 1 74  ARG 74  74  74  ARG ARG A . n 
A 1 75  HIS 75  75  75  HIS HIS A . n 
A 1 76  TYR 76  76  76  TYR TYR A . n 
A 1 77  ALA 77  77  77  ALA ALA A . n 
A 1 78  HIS 78  78  78  HIS HIS A . n 
A 1 79  VAL 79  79  79  VAL VAL A . n 
A 1 80  ASP 80  80  80  ASP ASP A . n 
A 1 81  CYS 81  81  81  CYS CYS A . n 
A 1 82  PRO 82  82  82  PRO PRO A . n 
A 1 83  GLY 83  83  83  GLY GLY A . n 
A 1 84  HIS 84  84  84  HIS HIS A . n 
A 1 85  ALA 85  85  85  ALA ALA A . n 
A 1 86  ASP 86  86  86  ASP ASP A . n 
A 1 87  TYR 87  87  87  TYR TYR A . n 
A 1 88  VAL 88  88  88  VAL VAL A . n 
A 1 89  LYS 89  89  89  LYS LYS A . n 
A 1 90  ASN 90  90  90  ASN ASN A . n 
A 1 91  MET 91  91  91  MET MET A . n 
A 1 92  ILE 92  92  92  ILE ILE A . n 
A 1 93  THR 93  93  93  THR THR A . n 
A 1 94  GLY 94  94  94  GLY GLY A . n 
A 1 95  ALA 95  95  95  ALA ALA A . n 
A 1 96  ALA 96  96  96  ALA ALA A . n 
A 1 97  GLN 97  97  97  GLN GLN A . n 
A 1 98  MET 98  98  98  MET MET A . n 
A 1 99  ASP 99  99  99  ASP ASP A . n 
A 1 100 GLY 100 100 100 GLY GLY A . n 
A 1 101 ALA 101 101 101 ALA ALA A . n 
A 1 102 ILE 102 102 102 ILE ILE A . n 
A 1 103 LEU 103 103 103 LEU LEU A . n 
A 1 104 VAL 104 104 104 VAL VAL A . n 
A 1 105 VAL 105 105 105 VAL VAL A . n 
A 1 106 ALA 106 106 106 ALA ALA A . n 
A 1 107 ALA 107 107 107 ALA ALA A . n 
A 1 108 THR 108 108 108 THR THR A . n 
A 1 109 ASP 109 109 109 ASP ASP A . n 
A 1 110 GLY 110 110 110 GLY GLY A . n 
A 1 111 PRO 111 111 111 PRO PRO A . n 
A 1 112 MET 112 112 112 MET MET A . n 
A 1 113 PRO 113 113 113 PRO PRO A . n 
A 1 114 GLN 114 114 114 GLN GLN A . n 
A 1 115 THR 115 115 115 THR THR A . n 
A 1 116 ARG 116 116 116 ARG ARG A . n 
A 1 117 GLU 117 117 117 GLU GLU A . n 
A 1 118 HIS 118 118 118 HIS HIS A . n 
A 1 119 ILE 119 119 119 ILE ILE A . n 
A 1 120 LEU 120 120 120 LEU LEU A . n 
A 1 121 LEU 121 121 121 LEU LEU A . n 
A 1 122 GLY 122 122 122 GLY GLY A . n 
A 1 123 ARG 123 123 123 ARG ARG A . n 
A 1 124 GLN 124 124 124 GLN GLN A . n 
A 1 125 VAL 125 125 125 VAL VAL A . n 
A 1 126 GLY 126 126 126 GLY GLY A . n 
A 1 127 VAL 127 127 127 VAL VAL A . n 
A 1 128 PRO 128 128 128 PRO PRO A . n 
A 1 129 TYR 129 129 129 TYR TYR A . n 
A 1 130 ILE 130 130 130 ILE ILE A . n 
A 1 131 ILE 131 131 131 ILE ILE A . n 
A 1 132 VAL 132 132 132 VAL VAL A . n 
A 1 133 PHE 133 133 133 PHE PHE A . n 
A 1 134 LEU 134 134 134 LEU LEU A . n 
A 1 135 ASN 135 135 135 ASN ASN A . n 
A 1 136 LYS 136 136 136 LYS LYS A . n 
A 1 137 CYS 137 137 137 CYS CYS A . n 
A 1 138 ASP 138 138 138 ASP ASP A . n 
A 1 139 MET 139 139 139 MET MET A . n 
A 1 140 VAL 140 140 140 VAL VAL A . n 
A 1 141 ASP 141 141 141 ASP ASP A . n 
A 1 142 ASP 142 142 142 ASP ASP A . n 
A 1 143 GLU 143 143 143 GLU GLU A . n 
A 1 144 GLU 144 144 144 GLU GLU A . n 
A 1 145 LEU 145 145 145 LEU LEU A . n 
A 1 146 LEU 146 146 146 LEU LEU A . n 
A 1 147 GLU 147 147 147 GLU GLU A . n 
A 1 148 LEU 148 148 148 LEU LEU A . n 
A 1 149 VAL 149 149 149 VAL VAL A . n 
A 1 150 GLU 150 150 150 GLU GLU A . n 
A 1 151 MET 151 151 151 MET MET A . n 
A 1 152 GLU 152 152 152 GLU GLU A . n 
A 1 153 VAL 153 153 153 VAL VAL A . n 
A 1 154 ARG 154 154 154 ARG ARG A . n 
A 1 155 GLU 155 155 155 GLU GLU A . n 
A 1 156 LEU 156 156 156 LEU LEU A . n 
A 1 157 LEU 157 157 157 LEU LEU A . n 
A 1 158 SER 158 158 158 SER SER A . n 
A 1 159 GLN 159 159 159 GLN GLN A . n 
A 1 160 TYR 160 160 160 TYR TYR A . n 
A 1 161 ASP 161 161 161 ASP ASP A . n 
A 1 162 PHE 162 162 162 PHE PHE A . n 
A 1 163 PRO 163 163 163 PRO PRO A . n 
A 1 164 GLY 164 164 164 GLY GLY A . n 
A 1 165 ASP 165 165 165 ASP ASP A . n 
A 1 166 ASP 166 166 166 ASP ASP A . n 
A 1 167 THR 167 167 167 THR THR A . n 
A 1 168 PRO 168 168 168 PRO PRO A . n 
A 1 169 ILE 169 169 169 ILE ILE A . n 
A 1 170 VAL 170 170 170 VAL VAL A . n 
A 1 171 ARG 171 171 171 ARG ARG A . n 
A 1 172 GLY 172 172 172 GLY GLY A . n 
A 1 173 SER 173 173 173 SER SER A . n 
A 1 174 ALA 174 174 174 ALA ALA A . n 
A 1 175 LEU 175 175 175 LEU LEU A . n 
A 1 176 LYS 176 176 176 LYS LYS A . n 
A 1 177 ALA 177 177 177 ALA ALA A . n 
A 1 178 LEU 178 178 178 LEU LEU A . n 
A 1 179 GLU 179 179 179 GLU GLU A . n 
A 1 180 GLY 180 180 180 GLY GLY A . n 
A 1 181 ASP 181 181 181 ASP ASP A . n 
A 1 182 ALA 182 182 182 ALA ALA A . n 
A 1 183 GLU 183 183 183 GLU GLU A . n 
A 1 184 TRP 184 184 184 TRP TRP A . n 
A 1 185 GLU 185 185 185 GLU GLU A . n 
A 1 186 ALA 186 186 186 ALA ALA A . n 
A 1 187 LYS 187 187 187 LYS LYS A . n 
A 1 188 ILE 188 188 188 ILE ILE A . n 
A 1 189 LEU 189 189 189 LEU LEU A . n 
A 1 190 GLU 190 190 190 GLU GLU A . n 
A 1 191 LEU 191 191 191 LEU LEU A . n 
A 1 192 ALA 192 192 192 ALA ALA A . n 
A 1 193 GLY 193 193 193 GLY GLY A . n 
A 1 194 PHE 194 194 194 PHE PHE A . n 
A 1 195 LEU 195 195 195 LEU LEU A . n 
A 1 196 ASP 196 196 196 ASP ASP A . n 
A 1 197 SER 197 197 197 SER SER A . n 
A 1 198 TYR 198 198 198 TYR TYR A . n 
A 1 199 ILE 199 199 199 ILE ILE A . n 
A 1 200 PRO 200 200 200 PRO PRO A . n 
A 1 201 GLU 201 201 201 GLU GLU A . n 
A 1 202 PRO 202 202 202 PRO PRO A . n 
A 1 203 GLU 203 203 203 GLU GLU A . n 
A 1 204 ARG 204 204 204 ARG ARG A . n 
A 1 205 ALA 205 205 205 ALA ALA A . n 
A 1 206 ILE 206 206 206 ILE ILE A . n 
A 1 207 ASP 207 207 207 ASP ASP A . n 
A 1 208 LYS 208 208 208 LYS LYS A . n 
A 1 209 PRO 209 209 209 PRO PRO A . n 
A 1 210 PHE 210 210 210 PHE PHE A . n 
A 1 211 LEU 211 211 211 LEU LEU A . n 
A 1 212 LEU 212 212 212 LEU LEU A . n 
A 1 213 PRO 213 213 213 PRO PRO A . n 
A 1 214 ILE 214 214 214 ILE ILE A . n 
A 1 215 GLU 215 215 215 GLU GLU A . n 
A 1 216 ASP 216 216 216 ASP ASP A . n 
A 1 217 VAL 217 217 217 VAL VAL A . n 
A 1 218 PHE 218 218 218 PHE PHE A . n 
A 1 219 SER 219 219 219 SER SER A . n 
A 1 220 ILE 220 220 220 ILE ILE A . n 
A 1 221 SER 221 221 221 SER SER A . n 
A 1 222 GLY 222 222 222 GLY GLY A . n 
A 1 223 ARG 223 223 223 ARG ARG A . n 
A 1 224 GLY 224 224 224 GLY GLY A . n 
A 1 225 THR 225 225 225 THR THR A . n 
A 1 226 VAL 226 226 226 VAL VAL A . n 
A 1 227 VAL 227 227 227 VAL VAL A . n 
A 1 228 THR 228 228 228 THR THR A . n 
A 1 229 GLY 229 229 229 GLY GLY A . n 
A 1 230 ARG 230 230 230 ARG ARG A . n 
A 1 231 VAL 231 231 231 VAL VAL A . n 
A 1 232 GLU 232 232 232 GLU GLU A . n 
A 1 233 ARG 233 233 233 ARG ARG A . n 
A 1 234 GLY 234 234 234 GLY GLY A . n 
A 1 235 ILE 235 235 235 ILE ILE A . n 
A 1 236 ILE 236 236 236 ILE ILE A . n 
A 1 237 LYS 237 237 237 LYS LYS A . n 
A 1 238 VAL 238 238 238 VAL VAL A . n 
A 1 239 GLY 239 239 239 GLY GLY A . n 
A 1 240 GLU 240 240 240 GLU GLU A . n 
A 1 241 GLU 241 241 241 GLU GLU A . n 
A 1 242 VAL 242 242 242 VAL VAL A . n 
A 1 243 GLU 243 243 243 GLU GLU A . n 
A 1 244 ILE 244 244 244 ILE ILE A . n 
A 1 245 VAL 245 245 245 VAL VAL A . n 
A 1 246 GLY 246 246 246 GLY GLY A . n 
A 1 247 ILE 247 247 247 ILE ILE A . n 
A 1 248 LYS 248 248 248 LYS LYS A . n 
A 1 249 GLU 249 249 249 GLU GLU A . n 
A 1 250 THR 250 250 250 THR THR A . n 
A 1 251 GLN 251 251 251 GLN GLN A . n 
A 1 252 LYS 252 252 252 LYS LYS A . n 
A 1 253 SER 253 253 253 SER SER A . n 
A 1 254 THR 254 254 254 THR THR A . n 
A 1 255 CYS 255 255 255 CYS CYS A . n 
A 1 256 THR 256 256 256 THR THR A . n 
A 1 257 GLY 257 257 257 GLY GLY A . n 
A 1 258 VAL 258 258 258 VAL VAL A . n 
A 1 259 GLU 259 259 259 GLU GLU A . n 
A 1 260 MET 260 260 260 MET MET A . n 
A 1 261 PHE 261 261 261 PHE PHE A . n 
A 1 262 ARG 262 262 262 ARG ARG A . n 
A 1 263 LYS 263 263 263 LYS LYS A . n 
A 1 264 LEU 264 264 264 LEU LEU A . n 
A 1 265 LEU 265 265 265 LEU LEU A . n 
A 1 266 ASP 266 266 266 ASP ASP A . n 
A 1 267 GLU 267 267 267 GLU GLU A . n 
A 1 268 GLY 268 268 268 GLY GLY A . n 
A 1 269 ARG 269 269 269 ARG ARG A . n 
A 1 270 ALA 270 270 270 ALA ALA A . n 
A 1 271 GLY 271 271 271 GLY GLY A . n 
A 1 272 GLU 272 272 272 GLU GLU A . n 
A 1 273 ASN 273 273 273 ASN ASN A . n 
A 1 274 VAL 274 274 274 VAL VAL A . n 
A 1 275 GLY 275 275 275 GLY GLY A . n 
A 1 276 VAL 276 276 276 VAL VAL A . n 
A 1 277 LEU 277 277 277 LEU LEU A . n 
A 1 278 LEU 278 278 278 LEU LEU A . n 
A 1 279 ARG 279 279 279 ARG ARG A . n 
A 1 280 GLY 280 280 280 GLY GLY A . n 
A 1 281 ILE 281 281 281 ILE ILE A . n 
A 1 282 LYS 282 282 282 LYS LYS A . n 
A 1 283 ARG 283 283 283 ARG ARG A . n 
A 1 284 GLU 284 284 284 GLU GLU A . n 
A 1 285 GLU 285 285 285 GLU GLU A . n 
A 1 286 ILE 286 286 286 ILE ILE A . n 
A 1 287 GLU 287 287 287 GLU GLU A . n 
A 1 288 ARG 288 288 288 ARG ARG A . n 
A 1 289 GLY 289 289 289 GLY GLY A . n 
A 1 290 GLN 290 290 290 GLN GLN A . n 
A 1 291 VAL 291 291 291 VAL VAL A . n 
A 1 292 LEU 292 292 292 LEU LEU A . n 
A 1 293 ALA 293 293 293 ALA ALA A . n 
A 1 294 LYS 294 294 294 LYS LYS A . n 
A 1 295 PRO 295 295 295 PRO PRO A . n 
A 1 296 GLY 296 296 296 GLY GLY A . n 
A 1 297 THR 297 297 297 THR THR A . n 
A 1 298 ILE 298 298 298 ILE ILE A . n 
A 1 299 LYS 299 299 299 LYS LYS A . n 
A 1 300 PRO 300 300 300 PRO PRO A . n 
A 1 301 HIS 301 301 301 HIS HIS A . n 
A 1 302 THR 302 302 302 THR THR A . n 
A 1 303 LYS 303 303 303 LYS LYS A . n 
A 1 304 PHE 304 304 304 PHE PHE A . n 
A 1 305 GLU 305 305 305 GLU GLU A . n 
A 1 306 SER 306 306 306 SER SER A . n 
A 1 307 GLU 307 307 307 GLU GLU A . n 
A 1 308 VAL 308 308 308 VAL VAL A . n 
A 1 309 TYR 309 309 309 TYR TYR A . n 
A 1 310 ILE 310 310 310 ILE ILE A . n 
A 1 311 LEU 311 311 311 LEU LEU A . n 
A 1 312 SER 312 312 312 SER SER A . n 
A 1 313 LYS 313 313 313 LYS LYS A . n 
A 1 314 ASP 314 314 314 ASP ASP A . n 
A 1 315 GLU 315 315 315 GLU GLU A . n 
A 1 316 GLY 316 316 316 GLY GLY A . n 
A 1 317 GLY 317 317 317 GLY GLY A . n 
A 1 318 ARG 318 318 318 ARG ARG A . n 
A 1 319 HIS 319 319 319 HIS HIS A . n 
A 1 320 THR 320 320 320 THR THR A . n 
A 1 321 PRO 321 321 321 PRO PRO A . n 
A 1 322 PHE 322 322 322 PHE PHE A . n 
A 1 323 PHE 323 323 323 PHE PHE A . n 
A 1 324 LYS 324 324 324 LYS LYS A . n 
A 1 325 GLY 325 325 325 GLY GLY A . n 
A 1 326 TYR 326 326 326 TYR TYR A . n 
A 1 327 ARG 327 327 327 ARG ARG A . n 
A 1 328 PRO 328 328 328 PRO PRO A . n 
A 1 329 GLN 329 329 329 GLN GLN A . n 
A 1 330 PHE 330 330 330 PHE PHE A . n 
A 1 331 TYR 331 331 331 TYR TYR A . n 
A 1 332 PHE 332 332 332 PHE PHE A . n 
A 1 333 ARG 333 333 333 ARG ARG A . n 
A 1 334 THR 334 334 334 THR THR A . n 
A 1 335 THR 335 335 335 THR THR A . n 
A 1 336 ASP 336 336 336 ASP ASP A . n 
A 1 337 VAL 337 337 337 VAL VAL A . n 
A 1 338 THR 338 338 338 THR THR A . n 
A 1 339 GLY 339 339 339 GLY GLY A . n 
A 1 340 THR 340 340 340 THR THR A . n 
A 1 341 ILE 341 341 341 ILE ILE A . n 
A 1 342 GLU 342 342 342 GLU GLU A . n 
A 1 343 LEU 343 343 343 LEU LEU A . n 
A 1 344 PRO 344 344 344 PRO PRO A . n 
A 1 345 GLU 345 345 345 GLU GLU A . n 
A 1 346 GLY 346 346 346 GLY GLY A . n 
A 1 347 VAL 347 347 347 VAL VAL A . n 
A 1 348 GLU 348 348 348 GLU GLU A . n 
A 1 349 MET 349 349 349 MET MET A . n 
A 1 350 VAL 350 350 350 VAL VAL A . n 
A 1 351 MET 351 351 351 MET MET A . n 
A 1 352 PRO 352 352 352 PRO PRO A . n 
A 1 353 GLY 353 353 353 GLY GLY A . n 
A 1 354 ASP 354 354 354 ASP ASP A . n 
A 1 355 ASN 355 355 355 ASN ASN A . n 
A 1 356 ILE 356 356 356 ILE ILE A . n 
A 1 357 LYS 357 357 357 LYS LYS A . n 
A 1 358 MET 358 358 358 MET MET A . n 
A 1 359 VAL 359 359 359 VAL VAL A . n 
A 1 360 VAL 360 360 360 VAL VAL A . n 
A 1 361 THR 361 361 361 THR THR A . n 
A 1 362 LEU 362 362 362 LEU LEU A . n 
A 1 363 ILE 363 363 363 ILE ILE A . n 
A 1 364 HIS 364 364 364 HIS HIS A . n 
A 1 365 PRO 365 365 365 PRO PRO A . n 
A 1 366 ILE 366 366 366 ILE ILE A . n 
A 1 367 ALA 367 367 367 ALA ALA A . n 
A 1 368 MET 368 368 368 MET MET A . n 
A 1 369 ASP 369 369 369 ASP ASP A . n 
A 1 370 ASP 370 370 370 ASP ASP A . n 
A 1 371 GLY 371 371 371 GLY GLY A . n 
A 1 372 LEU 372 372 372 LEU LEU A . n 
A 1 373 ARG 373 373 373 ARG ARG A . n 
A 1 374 PHE 374 374 374 PHE PHE A . n 
A 1 375 ALA 375 375 375 ALA ALA A . n 
A 1 376 ILE 376 376 376 ILE ILE A . n 
A 1 377 ARG 377 377 377 ARG ARG A . n 
A 1 378 GLU 378 378 378 GLU GLU A . n 
A 1 379 GLY 379 379 379 GLY GLY A . n 
A 1 380 GLY 380 380 380 GLY GLY A . n 
A 1 381 ARG 381 381 381 ARG ARG A . n 
A 1 382 THR 382 382 382 THR THR A . n 
A 1 383 VAL 383 383 383 VAL VAL A . n 
A 1 384 GLY 384 384 384 GLY GLY A . n 
A 1 385 ALA 385 385 385 ALA ALA A . n 
A 1 386 GLY 386 386 386 GLY GLY A . n 
A 1 387 VAL 387 387 387 VAL VAL A . n 
A 1 388 VAL 388 388 388 VAL VAL A . n 
A 1 389 ALA 389 389 389 ALA ALA A . n 
A 1 390 LYS 390 390 390 LYS LYS A . n 
A 1 391 VAL 391 391 391 VAL VAL A . n 
A 1 392 LEU 392 392 392 LEU LEU A . n 
A 1 393 SER 393 393 393 SER SER A . n 
# 
_cell.entry_id           1QZD 
_cell.length_a           1 
_cell.length_b           1 
_cell.length_c           1 
_cell.angle_alpha        90 
_cell.angle_beta         90 
_cell.angle_gamma        90 
_cell.pdbx_unique_axis   ? 
_cell.Z_PDB              1 
_cell.length_a_esd       ? 
_cell.length_b_esd       ? 
_cell.length_c_esd       ? 
_cell.angle_alpha_esd    ? 
_cell.angle_beta_esd     ? 
_cell.angle_gamma_esd    ? 
# 
_symmetry.entry_id                         1QZD 
_symmetry.space_group_name_H-M             'P 1' 
_symmetry.pdbx_full_space_group_name_H-M   ? 
_symmetry.Int_Tables_number                1 
_symmetry.cell_setting                     ? 
# 
_exptl.entry_id          1QZD 
_exptl.method            'ELECTRON MICROSCOPY' 
_exptl.crystals_number   ? 
# 
_refine_hist.pdbx_refine_id                   'ELECTRON MICROSCOPY' 
_refine_hist.cycle_id                         LAST 
_refine_hist.pdbx_number_atoms_protein        393 
_refine_hist.pdbx_number_atoms_nucleic_acid   0 
_refine_hist.pdbx_number_atoms_ligand         0 
_refine_hist.number_atoms_solvent             0 
_refine_hist.number_atoms_total               393 
_refine_hist.d_res_high                       . 
_refine_hist.d_res_low                        . 
# 
_struct.entry_id                  1QZD 
_struct.title                     
'EF-Tu.kirromycin coordinates fitted into the cryo-EM map of EF-Tu ternary complex (GDP.Kirromycin) bound 70S ribosome' 
_struct.pdbx_model_details        ? 
_struct.pdbx_CASP_flag            ? 
_struct.pdbx_model_type_details   ? 
# 
_struct_keywords.entry_id        1QZD 
_struct_keywords.pdbx_keywords   'BIOSYNTHETIC PROTEIN' 
_struct_keywords.text            'Elongation factor, biosynthetic protein' 
# 
_struct_asym.id                            A 
_struct_asym.pdbx_blank_PDB_chainid_flag   N 
_struct_asym.pdbx_modified                 N 
_struct_asym.entity_id                     1 
_struct_asym.details                       ? 
# 
_struct_ref.id                         1 
_struct_ref.db_name                    UNP 
_struct_ref.db_code                    EFTU_ECOLI 
_struct_ref.pdbx_db_accession          P0A6N1 
_struct_ref.entity_id                  1 
_struct_ref.pdbx_seq_one_letter_code   
;MSKEKFERTKPHVNVGTIGHVDHGKTTLTAAITTVLAKTYGGAARAFDQIDNAPEEKARGITINTSHVEYDTPTRHYAHV
DCPGHADYVKNMITGAAQMDGAILVVAATDGPMPQTREHILLGRQVGVPYIIVFLNKCDMVDDEELLELVEMEVRELLSQ
YDFPGDDTPIVRGSALKALEGDAEWEAKILELAGFLDSYIPEPERAIDKPFLLPIEDVFSISGRGTVVTGRVERGIIKVG
EEVEIVGIKETQKSTCTGVEMFRKLLDEGRAGENVGVLLRGIKREEIERGQVLAKPGTIKPHTKFESEVYILSKDEGGRH
TPFFKGYRPQFYFRTTDVTGTIELPEGVEMVMPGDNIKMVVTLIHPIAMDDGLRFAIREGGRTVGAGVVAKVLS
;
_struct_ref.pdbx_align_begin           0 
_struct_ref.pdbx_db_isoform            ? 
# 
_struct_ref_seq.align_id                      1 
_struct_ref_seq.ref_id                        1 
_struct_ref_seq.pdbx_PDB_id_code              1QZD 
_struct_ref_seq.pdbx_strand_id                A 
_struct_ref_seq.seq_align_beg                 1 
_struct_ref_seq.pdbx_seq_align_beg_ins_code   ? 
_struct_ref_seq.seq_align_end                 393 
_struct_ref_seq.pdbx_seq_align_end_ins_code   ? 
_struct_ref_seq.pdbx_db_accession             P0A6N1 
_struct_ref_seq.db_align_beg                  1 
_struct_ref_seq.pdbx_db_align_beg_ins_code    ? 
_struct_ref_seq.db_align_end                  393 
_struct_ref_seq.pdbx_db_align_end_ins_code    ? 
_struct_ref_seq.pdbx_auth_seq_align_beg       1 
_struct_ref_seq.pdbx_auth_seq_align_end       393 
# 
_struct_ref_seq_dif.align_id                     1 
_struct_ref_seq_dif.pdbx_pdb_id_code             1QZD 
_struct_ref_seq_dif.mon_id                       ? 
_struct_ref_seq_dif.pdbx_pdb_strand_id           A 
_struct_ref_seq_dif.seq_num                      ? 
_struct_ref_seq_dif.pdbx_pdb_ins_code            ? 
_struct_ref_seq_dif.pdbx_seq_db_name             UNP 
_struct_ref_seq_dif.pdbx_seq_db_accession_code   P0A6N1 
_struct_ref_seq_dif.db_mon_id                    MET 
_struct_ref_seq_dif.pdbx_seq_db_seq_num          0 
_struct_ref_seq_dif.details                      'initiating methionine' 
_struct_ref_seq_dif.pdbx_auth_seq_num            ? 
_struct_ref_seq_dif.pdbx_ordinal                 1 
# 
_pdbx_struct_assembly.id                   1 
_pdbx_struct_assembly.details              author_defined_assembly 
_pdbx_struct_assembly.method_details       ? 
_pdbx_struct_assembly.oligomeric_details   monomeric 
_pdbx_struct_assembly.oligomeric_count     1 
# 
_pdbx_struct_assembly_gen.assembly_id       1 
_pdbx_struct_assembly_gen.oper_expression   1 
_pdbx_struct_assembly_gen.asym_id_list      A 
# 
_pdbx_struct_oper_list.id                   1 
_pdbx_struct_oper_list.type                 'identity operation' 
_pdbx_struct_oper_list.name                 1_555 
_pdbx_struct_oper_list.symmetry_operation   x,y,z 
_pdbx_struct_oper_list.matrix[1][1]         1.0000000000 
_pdbx_struct_oper_list.matrix[1][2]         0.0000000000 
_pdbx_struct_oper_list.matrix[1][3]         0.0000000000 
_pdbx_struct_oper_list.vector[1]            0.0000000000 
_pdbx_struct_oper_list.matrix[2][1]         0.0000000000 
_pdbx_struct_oper_list.matrix[2][2]         1.0000000000 
_pdbx_struct_oper_list.matrix[2][3]         0.0000000000 
_pdbx_struct_oper_list.vector[2]            0.0000000000 
_pdbx_struct_oper_list.matrix[3][1]         0.0000000000 
_pdbx_struct_oper_list.matrix[3][2]         0.0000000000 
_pdbx_struct_oper_list.matrix[3][3]         1.0000000000 
_pdbx_struct_oper_list.vector[3]            0.0000000000 
# 
_struct_biol.id                    1 
_struct_biol.pdbx_parent_biol_id   ? 
_struct_biol.details               ? 
# 
_pdbx_database_remark.id     999 
_pdbx_database_remark.text   
;SEQUENCE
THE PROTEIN STRUCTURE CONTAINS CA ATOMS ONLY 
;
# 
_em_3d_fitting.id                1 
_em_3d_fitting.entry_id          1QZD 
_em_3d_fitting.ref_protocol      OTHER 
_em_3d_fitting.ref_space         REAL 
_em_3d_fitting.overall_b_value   ? 
_em_3d_fitting.target_criteria   ? 
_em_3d_fitting.details           'METHOD--Manual fitting in O' 
_em_3d_fitting.method            ? 
# 
_em_3d_fitting_list.3d_fitting_id                 1 
_em_3d_fitting_list.id                            1 
_em_3d_fitting_list.pdb_entry_id                  1OB2 
_em_3d_fitting_list.pdb_chain_id                  ? 
_em_3d_fitting_list.details                       ? 
_em_3d_fitting_list.initial_refinement_model_id   1 
_em_3d_fitting_list.chain_id                      ? 
_em_3d_fitting_list.chain_residue_range           ? 
_em_3d_fitting_list.pdb_chain_residue_range       ? 
_em_3d_fitting_list.source_name                   PDB 
_em_3d_fitting_list.type                          'experimental model' 
_em_3d_fitting_list.accession_code                1OB2 
# 
_em_3d_reconstruction.entry_id                    1QZD 
_em_3d_reconstruction.id                          1 
_em_3d_reconstruction.resolution_method           OTHER 
_em_3d_reconstruction.symmetry_type               POINT 
_em_3d_reconstruction.num_particles               75996 
_em_3d_reconstruction.image_processing_id         1 
_em_3d_reconstruction.method                      '3D projection matching; conjugate gradient with regularization' 
_em_3d_reconstruction.nominal_pixel_size          ? 
_em_3d_reconstruction.actual_pixel_size           2.82 
_em_3d_reconstruction.resolution                  10 
_em_3d_reconstruction.magnification_calibration   TMV 
_em_3d_reconstruction.details                     ? 
_em_3d_reconstruction.num_class_averages          ? 
_em_3d_reconstruction.algorithm                   ? 
# 
_em_buffer.id            1 
_em_buffer.pH            7.5 
_em_buffer.specimen_id   1 
_em_buffer.name          'Polymix buffer' 
_em_buffer.details       'Polymix buffer' 
# 
loop_
_em_entity_assembly.id 
_em_entity_assembly.name 
_em_entity_assembly.type 
_em_entity_assembly.parent_id 
_em_entity_assembly.synonym 
_em_entity_assembly.details 
_em_entity_assembly.oligomeric_details 
1 '70S ribosome'         RIBOSOME 0 ? ? ? 
2 'Elongation factor Tu' ?        1 ? ? ? 
# 
_em_imaging.entry_id                        1QZD 
_em_imaging.id                              1 
_em_imaging.specimen_id                     1 
_em_imaging.date                            ? 
_em_imaging.temperature                     93 
_em_imaging.microscope_model                'FEI TECNAI F20' 
_em_imaging.nominal_defocus_min             2000 
_em_imaging.nominal_defocus_max             4000 
_em_imaging.tilt_angle_min                  0 
_em_imaging.tilt_angle_max                  0 
_em_imaging.nominal_cs                      ? 
_em_imaging.mode                            'BRIGHT FIELD' 
_em_imaging.illumination_mode               'FLOOD BEAM' 
_em_imaging.nominal_magnification           50000 
_em_imaging.calibrated_magnification        49696 
_em_imaging.electron_source                 'FIELD EMISSION GUN' 
_em_imaging.accelerating_voltage            200 
_em_imaging.details                         ? 
_em_imaging.specimen_holder_type            ? 
_em_imaging.specimen_holder_model           ? 
_em_imaging.citation_id                     ? 
_em_imaging.detector_distance               ? 
_em_imaging.recording_temperature_maximum   ? 
_em_imaging.recording_temperature_minimum   ? 
_em_imaging.astigmatism                     ? 
_em_imaging.electron_beam_tilt_params       ? 
# 
_em_sample_support.id               1 
_em_sample_support.specimen_id      1 
_em_sample_support.details          'Quantifoil holley carbon film grids' 
_em_sample_support.film_material    ? 
_em_sample_support.grid_material    ? 
_em_sample_support.grid_mesh_size   ? 
_em_sample_support.grid_type        ? 
_em_sample_support.method           ? 
# 
_em_vitrification.entry_id              1QZD 
_em_vitrification.id                    1 
_em_vitrification.cryogen_name          ETHANE 
_em_vitrification.details               'Rapid-freezing in liquid ethane' 
_em_vitrification.citation_id           ? 
_em_vitrification.humidity              ? 
_em_vitrification.instrument            ? 
_em_vitrification.method                ? 
_em_vitrification.specimen_id           1 
_em_vitrification.temp                  ? 
_em_vitrification.time_resolved_state   ? 
# 
_em_experiment.entry_id                1QZD 
_em_experiment.id                      1 
_em_experiment.aggregation_state       PARTICLE 
_em_experiment.entity_assembly_id      1 
_em_experiment.reconstruction_method   'SINGLE PARTICLE' 
# 
_em_single_particle_entity.entry_id              1QZD 
_em_single_particle_entity.id                    1 
_em_single_particle_entity.point_symmetry        C1 
_em_single_particle_entity.image_processing_id   1 
# 
loop_
_chem_comp_atom.comp_id 
_chem_comp_atom.atom_id 
_chem_comp_atom.type_symbol 
_chem_comp_atom.pdbx_aromatic_flag 
_chem_comp_atom.pdbx_stereo_config 
_chem_comp_atom.pdbx_ordinal 
ALA N    N N N 1   
ALA CA   C N S 2   
ALA C    C N N 3   
ALA O    O N N 4   
ALA CB   C N N 5   
ALA OXT  O N N 6   
ALA H    H N N 7   
ALA H2   H N N 8   
ALA HA   H N N 9   
ALA HB1  H N N 10  
ALA HB2  H N N 11  
ALA HB3  H N N 12  
ALA HXT  H N N 13  
ARG N    N N N 14  
ARG CA   C N S 15  
ARG C    C N N 16  
ARG O    O N N 17  
ARG CB   C N N 18  
ARG CG   C N N 19  
ARG CD   C N N 20  
ARG NE   N N N 21  
ARG CZ   C N N 22  
ARG NH1  N N N 23  
ARG NH2  N N N 24  
ARG OXT  O N N 25  
ARG H    H N N 26  
ARG H2   H N N 27  
ARG HA   H N N 28  
ARG HB2  H N N 29  
ARG HB3  H N N 30  
ARG HG2  H N N 31  
ARG HG3  H N N 32  
ARG HD2  H N N 33  
ARG HD3  H N N 34  
ARG HE   H N N 35  
ARG HH11 H N N 36  
ARG HH12 H N N 37  
ARG HH21 H N N 38  
ARG HH22 H N N 39  
ARG HXT  H N N 40  
ASN N    N N N 41  
ASN CA   C N S 42  
ASN C    C N N 43  
ASN O    O N N 44  
ASN CB   C N N 45  
ASN CG   C N N 46  
ASN OD1  O N N 47  
ASN ND2  N N N 48  
ASN OXT  O N N 49  
ASN H    H N N 50  
ASN H2   H N N 51  
ASN HA   H N N 52  
ASN HB2  H N N 53  
ASN HB3  H N N 54  
ASN HD21 H N N 55  
ASN HD22 H N N 56  
ASN HXT  H N N 57  
ASP N    N N N 58  
ASP CA   C N S 59  
ASP C    C N N 60  
ASP O    O N N 61  
ASP CB   C N N 62  
ASP CG   C N N 63  
ASP OD1  O N N 64  
ASP OD2  O N N 65  
ASP OXT  O N N 66  
ASP H    H N N 67  
ASP H2   H N N 68  
ASP HA   H N N 69  
ASP HB2  H N N 70  
ASP HB3  H N N 71  
ASP HD2  H N N 72  
ASP HXT  H N N 73  
CYS N    N N N 74  
CYS CA   C N R 75  
CYS C    C N N 76  
CYS O    O N N 77  
CYS CB   C N N 78  
CYS SG   S N N 79  
CYS OXT  O N N 80  
CYS H    H N N 81  
CYS H2   H N N 82  
CYS HA   H N N 83  
CYS HB2  H N N 84  
CYS HB3  H N N 85  
CYS HG   H N N 86  
CYS HXT  H N N 87  
GLN N    N N N 88  
GLN CA   C N S 89  
GLN C    C N N 90  
GLN O    O N N 91  
GLN CB   C N N 92  
GLN CG   C N N 93  
GLN CD   C N N 94  
GLN OE1  O N N 95  
GLN NE2  N N N 96  
GLN OXT  O N N 97  
GLN H    H N N 98  
GLN H2   H N N 99  
GLN HA   H N N 100 
GLN HB2  H N N 101 
GLN HB3  H N N 102 
GLN HG2  H N N 103 
GLN HG3  H N N 104 
GLN HE21 H N N 105 
GLN HE22 H N N 106 
GLN HXT  H N N 107 
GLU N    N N N 108 
GLU CA   C N S 109 
GLU C    C N N 110 
GLU O    O N N 111 
GLU CB   C N N 112 
GLU CG   C N N 113 
GLU CD   C N N 114 
GLU OE1  O N N 115 
GLU OE2  O N N 116 
GLU OXT  O N N 117 
GLU H    H N N 118 
GLU H2   H N N 119 
GLU HA   H N N 120 
GLU HB2  H N N 121 
GLU HB3  H N N 122 
GLU HG2  H N N 123 
GLU HG3  H N N 124 
GLU HE2  H N N 125 
GLU HXT  H N N 126 
GLY N    N N N 127 
GLY CA   C N N 128 
GLY C    C N N 129 
GLY O    O N N 130 
GLY OXT  O N N 131 
GLY H    H N N 132 
GLY H2   H N N 133 
GLY HA2  H N N 134 
GLY HA3  H N N 135 
GLY HXT  H N N 136 
HIS N    N N N 137 
HIS CA   C N S 138 
HIS C    C N N 139 
HIS O    O N N 140 
HIS CB   C N N 141 
HIS CG   C Y N 142 
HIS ND1  N Y N 143 
HIS CD2  C Y N 144 
HIS CE1  C Y N 145 
HIS NE2  N Y N 146 
HIS OXT  O N N 147 
HIS H    H N N 148 
HIS H2   H N N 149 
HIS HA   H N N 150 
HIS HB2  H N N 151 
HIS HB3  H N N 152 
HIS HD1  H N N 153 
HIS HD2  H N N 154 
HIS HE1  H N N 155 
HIS HE2  H N N 156 
HIS HXT  H N N 157 
ILE N    N N N 158 
ILE CA   C N S 159 
ILE C    C N N 160 
ILE O    O N N 161 
ILE CB   C N S 162 
ILE CG1  C N N 163 
ILE CG2  C N N 164 
ILE CD1  C N N 165 
ILE OXT  O N N 166 
ILE H    H N N 167 
ILE H2   H N N 168 
ILE HA   H N N 169 
ILE HB   H N N 170 
ILE HG12 H N N 171 
ILE HG13 H N N 172 
ILE HG21 H N N 173 
ILE HG22 H N N 174 
ILE HG23 H N N 175 
ILE HD11 H N N 176 
ILE HD12 H N N 177 
ILE HD13 H N N 178 
ILE HXT  H N N 179 
LEU N    N N N 180 
LEU CA   C N S 181 
LEU C    C N N 182 
LEU O    O N N 183 
LEU CB   C N N 184 
LEU CG   C N N 185 
LEU CD1  C N N 186 
LEU CD2  C N N 187 
LEU OXT  O N N 188 
LEU H    H N N 189 
LEU H2   H N N 190 
LEU HA   H N N 191 
LEU HB2  H N N 192 
LEU HB3  H N N 193 
LEU HG   H N N 194 
LEU HD11 H N N 195 
LEU HD12 H N N 196 
LEU HD13 H N N 197 
LEU HD21 H N N 198 
LEU HD22 H N N 199 
LEU HD23 H N N 200 
LEU HXT  H N N 201 
LYS N    N N N 202 
LYS CA   C N S 203 
LYS C    C N N 204 
LYS O    O N N 205 
LYS CB   C N N 206 
LYS CG   C N N 207 
LYS CD   C N N 208 
LYS CE   C N N 209 
LYS NZ   N N N 210 
LYS OXT  O N N 211 
LYS H    H N N 212 
LYS H2   H N N 213 
LYS HA   H N N 214 
LYS HB2  H N N 215 
LYS HB3  H N N 216 
LYS HG2  H N N 217 
LYS HG3  H N N 218 
LYS HD2  H N N 219 
LYS HD3  H N N 220 
LYS HE2  H N N 221 
LYS HE3  H N N 222 
LYS HZ1  H N N 223 
LYS HZ2  H N N 224 
LYS HZ3  H N N 225 
LYS HXT  H N N 226 
MET N    N N N 227 
MET CA   C N S 228 
MET C    C N N 229 
MET O    O N N 230 
MET CB   C N N 231 
MET CG   C N N 232 
MET SD   S N N 233 
MET CE   C N N 234 
MET OXT  O N N 235 
MET H    H N N 236 
MET H2   H N N 237 
MET HA   H N N 238 
MET HB2  H N N 239 
MET HB3  H N N 240 
MET HG2  H N N 241 
MET HG3  H N N 242 
MET HE1  H N N 243 
MET HE2  H N N 244 
MET HE3  H N N 245 
MET HXT  H N N 246 
PHE N    N N N 247 
PHE CA   C N S 248 
PHE C    C N N 249 
PHE O    O N N 250 
PHE CB   C N N 251 
PHE CG   C Y N 252 
PHE CD1  C Y N 253 
PHE CD2  C Y N 254 
PHE CE1  C Y N 255 
PHE CE2  C Y N 256 
PHE CZ   C Y N 257 
PHE OXT  O N N 258 
PHE H    H N N 259 
PHE H2   H N N 260 
PHE HA   H N N 261 
PHE HB2  H N N 262 
PHE HB3  H N N 263 
PHE HD1  H N N 264 
PHE HD2  H N N 265 
PHE HE1  H N N 266 
PHE HE2  H N N 267 
PHE HZ   H N N 268 
PHE HXT  H N N 269 
PRO N    N N N 270 
PRO CA   C N S 271 
PRO C    C N N 272 
PRO O    O N N 273 
PRO CB   C N N 274 
PRO CG   C N N 275 
PRO CD   C N N 276 
PRO OXT  O N N 277 
PRO H    H N N 278 
PRO HA   H N N 279 
PRO HB2  H N N 280 
PRO HB3  H N N 281 
PRO HG2  H N N 282 
PRO HG3  H N N 283 
PRO HD2  H N N 284 
PRO HD3  H N N 285 
PRO HXT  H N N 286 
SER N    N N N 287 
SER CA   C N S 288 
SER C    C N N 289 
SER O    O N N 290 
SER CB   C N N 291 
SER OG   O N N 292 
SER OXT  O N N 293 
SER H    H N N 294 
SER H2   H N N 295 
SER HA   H N N 296 
SER HB2  H N N 297 
SER HB3  H N N 298 
SER HG   H N N 299 
SER HXT  H N N 300 
THR N    N N N 301 
THR CA   C N S 302 
THR C    C N N 303 
THR O    O N N 304 
THR CB   C N R 305 
THR OG1  O N N 306 
THR CG2  C N N 307 
THR OXT  O N N 308 
THR H    H N N 309 
THR H2   H N N 310 
THR HA   H N N 311 
THR HB   H N N 312 
THR HG1  H N N 313 
THR HG21 H N N 314 
THR HG22 H N N 315 
THR HG23 H N N 316 
THR HXT  H N N 317 
TRP N    N N N 318 
TRP CA   C N S 319 
TRP C    C N N 320 
TRP O    O N N 321 
TRP CB   C N N 322 
TRP CG   C Y N 323 
TRP CD1  C Y N 324 
TRP CD2  C Y N 325 
TRP NE1  N Y N 326 
TRP CE2  C Y N 327 
TRP CE3  C Y N 328 
TRP CZ2  C Y N 329 
TRP CZ3  C Y N 330 
TRP CH2  C Y N 331 
TRP OXT  O N N 332 
TRP H    H N N 333 
TRP H2   H N N 334 
TRP HA   H N N 335 
TRP HB2  H N N 336 
TRP HB3  H N N 337 
TRP HD1  H N N 338 
TRP HE1  H N N 339 
TRP HE3  H N N 340 
TRP HZ2  H N N 341 
TRP HZ3  H N N 342 
TRP HH2  H N N 343 
TRP HXT  H N N 344 
TYR N    N N N 345 
TYR CA   C N S 346 
TYR C    C N N 347 
TYR O    O N N 348 
TYR CB   C N N 349 
TYR CG   C Y N 350 
TYR CD1  C Y N 351 
TYR CD2  C Y N 352 
TYR CE1  C Y N 353 
TYR CE2  C Y N 354 
TYR CZ   C Y N 355 
TYR OH   O N N 356 
TYR OXT  O N N 357 
TYR H    H N N 358 
TYR H2   H N N 359 
TYR HA   H N N 360 
TYR HB2  H N N 361 
TYR HB3  H N N 362 
TYR HD1  H N N 363 
TYR HD2  H N N 364 
TYR HE1  H N N 365 
TYR HE2  H N N 366 
TYR HH   H N N 367 
TYR HXT  H N N 368 
VAL N    N N N 369 
VAL CA   C N S 370 
VAL C    C N N 371 
VAL O    O N N 372 
VAL CB   C N N 373 
VAL CG1  C N N 374 
VAL CG2  C N N 375 
VAL OXT  O N N 376 
VAL H    H N N 377 
VAL H2   H N N 378 
VAL HA   H N N 379 
VAL HB   H N N 380 
VAL HG11 H N N 381 
VAL HG12 H N N 382 
VAL HG13 H N N 383 
VAL HG21 H N N 384 
VAL HG22 H N N 385 
VAL HG23 H N N 386 
VAL HXT  H N N 387 
# 
loop_
_chem_comp_bond.comp_id 
_chem_comp_bond.atom_id_1 
_chem_comp_bond.atom_id_2 
_chem_comp_bond.value_order 
_chem_comp_bond.pdbx_aromatic_flag 
_chem_comp_bond.pdbx_stereo_config 
_chem_comp_bond.pdbx_ordinal 
ALA N   CA   sing N N 1   
ALA N   H    sing N N 2   
ALA N   H2   sing N N 3   
ALA CA  C    sing N N 4   
ALA CA  CB   sing N N 5   
ALA CA  HA   sing N N 6   
ALA C   O    doub N N 7   
ALA C   OXT  sing N N 8   
ALA CB  HB1  sing N N 9   
ALA CB  HB2  sing N N 10  
ALA CB  HB3  sing N N 11  
ALA OXT HXT  sing N N 12  
ARG N   CA   sing N N 13  
ARG N   H    sing N N 14  
ARG N   H2   sing N N 15  
ARG CA  C    sing N N 16  
ARG CA  CB   sing N N 17  
ARG CA  HA   sing N N 18  
ARG C   O    doub N N 19  
ARG C   OXT  sing N N 20  
ARG CB  CG   sing N N 21  
ARG CB  HB2  sing N N 22  
ARG CB  HB3  sing N N 23  
ARG CG  CD   sing N N 24  
ARG CG  HG2  sing N N 25  
ARG CG  HG3  sing N N 26  
ARG CD  NE   sing N N 27  
ARG CD  HD2  sing N N 28  
ARG CD  HD3  sing N N 29  
ARG NE  CZ   sing N N 30  
ARG NE  HE   sing N N 31  
ARG CZ  NH1  sing N N 32  
ARG CZ  NH2  doub N N 33  
ARG NH1 HH11 sing N N 34  
ARG NH1 HH12 sing N N 35  
ARG NH2 HH21 sing N N 36  
ARG NH2 HH22 sing N N 37  
ARG OXT HXT  sing N N 38  
ASN N   CA   sing N N 39  
ASN N   H    sing N N 40  
ASN N   H2   sing N N 41  
ASN CA  C    sing N N 42  
ASN CA  CB   sing N N 43  
ASN CA  HA   sing N N 44  
ASN C   O    doub N N 45  
ASN C   OXT  sing N N 46  
ASN CB  CG   sing N N 47  
ASN CB  HB2  sing N N 48  
ASN CB  HB3  sing N N 49  
ASN CG  OD1  doub N N 50  
ASN CG  ND2  sing N N 51  
ASN ND2 HD21 sing N N 52  
ASN ND2 HD22 sing N N 53  
ASN OXT HXT  sing N N 54  
ASP N   CA   sing N N 55  
ASP N   H    sing N N 56  
ASP N   H2   sing N N 57  
ASP CA  C    sing N N 58  
ASP CA  CB   sing N N 59  
ASP CA  HA   sing N N 60  
ASP C   O    doub N N 61  
ASP C   OXT  sing N N 62  
ASP CB  CG   sing N N 63  
ASP CB  HB2  sing N N 64  
ASP CB  HB3  sing N N 65  
ASP CG  OD1  doub N N 66  
ASP CG  OD2  sing N N 67  
ASP OD2 HD2  sing N N 68  
ASP OXT HXT  sing N N 69  
CYS N   CA   sing N N 70  
CYS N   H    sing N N 71  
CYS N   H2   sing N N 72  
CYS CA  C    sing N N 73  
CYS CA  CB   sing N N 74  
CYS CA  HA   sing N N 75  
CYS C   O    doub N N 76  
CYS C   OXT  sing N N 77  
CYS CB  SG   sing N N 78  
CYS CB  HB2  sing N N 79  
CYS CB  HB3  sing N N 80  
CYS SG  HG   sing N N 81  
CYS OXT HXT  sing N N 82  
GLN N   CA   sing N N 83  
GLN N   H    sing N N 84  
GLN N   H2   sing N N 85  
GLN CA  C    sing N N 86  
GLN CA  CB   sing N N 87  
GLN CA  HA   sing N N 88  
GLN C   O    doub N N 89  
GLN C   OXT  sing N N 90  
GLN CB  CG   sing N N 91  
GLN CB  HB2  sing N N 92  
GLN CB  HB3  sing N N 93  
GLN CG  CD   sing N N 94  
GLN CG  HG2  sing N N 95  
GLN CG  HG3  sing N N 96  
GLN CD  OE1  doub N N 97  
GLN CD  NE2  sing N N 98  
GLN NE2 HE21 sing N N 99  
GLN NE2 HE22 sing N N 100 
GLN OXT HXT  sing N N 101 
GLU N   CA   sing N N 102 
GLU N   H    sing N N 103 
GLU N   H2   sing N N 104 
GLU CA  C    sing N N 105 
GLU CA  CB   sing N N 106 
GLU CA  HA   sing N N 107 
GLU C   O    doub N N 108 
GLU C   OXT  sing N N 109 
GLU CB  CG   sing N N 110 
GLU CB  HB2  sing N N 111 
GLU CB  HB3  sing N N 112 
GLU CG  CD   sing N N 113 
GLU CG  HG2  sing N N 114 
GLU CG  HG3  sing N N 115 
GLU CD  OE1  doub N N 116 
GLU CD  OE2  sing N N 117 
GLU OE2 HE2  sing N N 118 
GLU OXT HXT  sing N N 119 
GLY N   CA   sing N N 120 
GLY N   H    sing N N 121 
GLY N   H2   sing N N 122 
GLY CA  C    sing N N 123 
GLY CA  HA2  sing N N 124 
GLY CA  HA3  sing N N 125 
GLY C   O    doub N N 126 
GLY C   OXT  sing N N 127 
GLY OXT HXT  sing N N 128 
HIS N   CA   sing N N 129 
HIS N   H    sing N N 130 
HIS N   H2   sing N N 131 
HIS CA  C    sing N N 132 
HIS CA  CB   sing N N 133 
HIS CA  HA   sing N N 134 
HIS C   O    doub N N 135 
HIS C   OXT  sing N N 136 
HIS CB  CG   sing N N 137 
HIS CB  HB2  sing N N 138 
HIS CB  HB3  sing N N 139 
HIS CG  ND1  sing Y N 140 
HIS CG  CD2  doub Y N 141 
HIS ND1 CE1  doub Y N 142 
HIS ND1 HD1  sing N N 143 
HIS CD2 NE2  sing Y N 144 
HIS CD2 HD2  sing N N 145 
HIS CE1 NE2  sing Y N 146 
HIS CE1 HE1  sing N N 147 
HIS NE2 HE2  sing N N 148 
HIS OXT HXT  sing N N 149 
ILE N   CA   sing N N 150 
ILE N   H    sing N N 151 
ILE N   H2   sing N N 152 
ILE CA  C    sing N N 153 
ILE CA  CB   sing N N 154 
ILE CA  HA   sing N N 155 
ILE C   O    doub N N 156 
ILE C   OXT  sing N N 157 
ILE CB  CG1  sing N N 158 
ILE CB  CG2  sing N N 159 
ILE CB  HB   sing N N 160 
ILE CG1 CD1  sing N N 161 
ILE CG1 HG12 sing N N 162 
ILE CG1 HG13 sing N N 163 
ILE CG2 HG21 sing N N 164 
ILE CG2 HG22 sing N N 165 
ILE CG2 HG23 sing N N 166 
ILE CD1 HD11 sing N N 167 
ILE CD1 HD12 sing N N 168 
ILE CD1 HD13 sing N N 169 
ILE OXT HXT  sing N N 170 
LEU N   CA   sing N N 171 
LEU N   H    sing N N 172 
LEU N   H2   sing N N 173 
LEU CA  C    sing N N 174 
LEU CA  CB   sing N N 175 
LEU CA  HA   sing N N 176 
LEU C   O    doub N N 177 
LEU C   OXT  sing N N 178 
LEU CB  CG   sing N N 179 
LEU CB  HB2  sing N N 180 
LEU CB  HB3  sing N N 181 
LEU CG  CD1  sing N N 182 
LEU CG  CD2  sing N N 183 
LEU CG  HG   sing N N 184 
LEU CD1 HD11 sing N N 185 
LEU CD1 HD12 sing N N 186 
LEU CD1 HD13 sing N N 187 
LEU CD2 HD21 sing N N 188 
LEU CD2 HD22 sing N N 189 
LEU CD2 HD23 sing N N 190 
LEU OXT HXT  sing N N 191 
LYS N   CA   sing N N 192 
LYS N   H    sing N N 193 
LYS N   H2   sing N N 194 
LYS CA  C    sing N N 195 
LYS CA  CB   sing N N 196 
LYS CA  HA   sing N N 197 
LYS C   O    doub N N 198 
LYS C   OXT  sing N N 199 
LYS CB  CG   sing N N 200 
LYS CB  HB2  sing N N 201 
LYS CB  HB3  sing N N 202 
LYS CG  CD   sing N N 203 
LYS CG  HG2  sing N N 204 
LYS CG  HG3  sing N N 205 
LYS CD  CE   sing N N 206 
LYS CD  HD2  sing N N 207 
LYS CD  HD3  sing N N 208 
LYS CE  NZ   sing N N 209 
LYS CE  HE2  sing N N 210 
LYS CE  HE3  sing N N 211 
LYS NZ  HZ1  sing N N 212 
LYS NZ  HZ2  sing N N 213 
LYS NZ  HZ3  sing N N 214 
LYS OXT HXT  sing N N 215 
MET N   CA   sing N N 216 
MET N   H    sing N N 217 
MET N   H2   sing N N 218 
MET CA  C    sing N N 219 
MET CA  CB   sing N N 220 
MET CA  HA   sing N N 221 
MET C   O    doub N N 222 
MET C   OXT  sing N N 223 
MET CB  CG   sing N N 224 
MET CB  HB2  sing N N 225 
MET CB  HB3  sing N N 226 
MET CG  SD   sing N N 227 
MET CG  HG2  sing N N 228 
MET CG  HG3  sing N N 229 
MET SD  CE   sing N N 230 
MET CE  HE1  sing N N 231 
MET CE  HE2  sing N N 232 
MET CE  HE3  sing N N 233 
MET OXT HXT  sing N N 234 
PHE N   CA   sing N N 235 
PHE N   H    sing N N 236 
PHE N   H2   sing N N 237 
PHE CA  C    sing N N 238 
PHE CA  CB   sing N N 239 
PHE CA  HA   sing N N 240 
PHE C   O    doub N N 241 
PHE C   OXT  sing N N 242 
PHE CB  CG   sing N N 243 
PHE CB  HB2  sing N N 244 
PHE CB  HB3  sing N N 245 
PHE CG  CD1  doub Y N 246 
PHE CG  CD2  sing Y N 247 
PHE CD1 CE1  sing Y N 248 
PHE CD1 HD1  sing N N 249 
PHE CD2 CE2  doub Y N 250 
PHE CD2 HD2  sing N N 251 
PHE CE1 CZ   doub Y N 252 
PHE CE1 HE1  sing N N 253 
PHE CE2 CZ   sing Y N 254 
PHE CE2 HE2  sing N N 255 
PHE CZ  HZ   sing N N 256 
PHE OXT HXT  sing N N 257 
PRO N   CA   sing N N 258 
PRO N   CD   sing N N 259 
PRO N   H    sing N N 260 
PRO CA  C    sing N N 261 
PRO CA  CB   sing N N 262 
PRO CA  HA   sing N N 263 
PRO C   O    doub N N 264 
PRO C   OXT  sing N N 265 
PRO CB  CG   sing N N 266 
PRO CB  HB2  sing N N 267 
PRO CB  HB3  sing N N 268 
PRO CG  CD   sing N N 269 
PRO CG  HG2  sing N N 270 
PRO CG  HG3  sing N N 271 
PRO CD  HD2  sing N N 272 
PRO CD  HD3  sing N N 273 
PRO OXT HXT  sing N N 274 
SER N   CA   sing N N 275 
SER N   H    sing N N 276 
SER N   H2   sing N N 277 
SER CA  C    sing N N 278 
SER CA  CB   sing N N 279 
SER CA  HA   sing N N 280 
SER C   O    doub N N 281 
SER C   OXT  sing N N 282 
SER CB  OG   sing N N 283 
SER CB  HB2  sing N N 284 
SER CB  HB3  sing N N 285 
SER OG  HG   sing N N 286 
SER OXT HXT  sing N N 287 
THR N   CA   sing N N 288 
THR N   H    sing N N 289 
THR N   H2   sing N N 290 
THR CA  C    sing N N 291 
THR CA  CB   sing N N 292 
THR CA  HA   sing N N 293 
THR C   O    doub N N 294 
THR C   OXT  sing N N 295 
THR CB  OG1  sing N N 296 
THR CB  CG2  sing N N 297 
THR CB  HB   sing N N 298 
THR OG1 HG1  sing N N 299 
THR CG2 HG21 sing N N 300 
THR CG2 HG22 sing N N 301 
THR CG2 HG23 sing N N 302 
THR OXT HXT  sing N N 303 
TRP N   CA   sing N N 304 
TRP N   H    sing N N 305 
TRP N   H2   sing N N 306 
TRP CA  C    sing N N 307 
TRP CA  CB   sing N N 308 
TRP CA  HA   sing N N 309 
TRP C   O    doub N N 310 
TRP C   OXT  sing N N 311 
TRP CB  CG   sing N N 312 
TRP CB  HB2  sing N N 313 
TRP CB  HB3  sing N N 314 
TRP CG  CD1  doub Y N 315 
TRP CG  CD2  sing Y N 316 
TRP CD1 NE1  sing Y N 317 
TRP CD1 HD1  sing N N 318 
TRP CD2 CE2  doub Y N 319 
TRP CD2 CE3  sing Y N 320 
TRP NE1 CE2  sing Y N 321 
TRP NE1 HE1  sing N N 322 
TRP CE2 CZ2  sing Y N 323 
TRP CE3 CZ3  doub Y N 324 
TRP CE3 HE3  sing N N 325 
TRP CZ2 CH2  doub Y N 326 
TRP CZ2 HZ2  sing N N 327 
TRP CZ3 CH2  sing Y N 328 
TRP CZ3 HZ3  sing N N 329 
TRP CH2 HH2  sing N N 330 
TRP OXT HXT  sing N N 331 
TYR N   CA   sing N N 332 
TYR N   H    sing N N 333 
TYR N   H2   sing N N 334 
TYR CA  C    sing N N 335 
TYR CA  CB   sing N N 336 
TYR CA  HA   sing N N 337 
TYR C   O    doub N N 338 
TYR C   OXT  sing N N 339 
TYR CB  CG   sing N N 340 
TYR CB  HB2  sing N N 341 
TYR CB  HB3  sing N N 342 
TYR CG  CD1  doub Y N 343 
TYR CG  CD2  sing Y N 344 
TYR CD1 CE1  sing Y N 345 
TYR CD1 HD1  sing N N 346 
TYR CD2 CE2  doub Y N 347 
TYR CD2 HD2  sing N N 348 
TYR CE1 CZ   doub Y N 349 
TYR CE1 HE1  sing N N 350 
TYR CE2 CZ   sing Y N 351 
TYR CE2 HE2  sing N N 352 
TYR CZ  OH   sing N N 353 
TYR OH  HH   sing N N 354 
TYR OXT HXT  sing N N 355 
VAL N   CA   sing N N 356 
VAL N   H    sing N N 357 
VAL N   H2   sing N N 358 
VAL CA  C    sing N N 359 
VAL CA  CB   sing N N 360 
VAL CA  HA   sing N N 361 
VAL C   O    doub N N 362 
VAL C   OXT  sing N N 363 
VAL CB  CG1  sing N N 364 
VAL CB  CG2  sing N N 365 
VAL CB  HB   sing N N 366 
VAL CG1 HG11 sing N N 367 
VAL CG1 HG12 sing N N 368 
VAL CG1 HG13 sing N N 369 
VAL CG2 HG21 sing N N 370 
VAL CG2 HG22 sing N N 371 
VAL CG2 HG23 sing N N 372 
VAL OXT HXT  sing N N 373 
# 
_em_ctf_correction.id        1 
_em_ctf_correction.details   'CTF correction of 3D maps by Wiener filteration' 
_em_ctf_correction.type      . 
# 
_em_image_processing.id                   1 
_em_image_processing.image_recording_id   1 
_em_image_processing.details              ? 
# 
_em_image_recording.details                       ? 
_em_image_recording.id                            1 
_em_image_recording.avg_electron_dose_per_image   20 
_em_image_recording.film_or_detector_model        'KODAK SO-163 FILM' 
_em_image_recording.imaging_id                    1 
_em_image_recording.detector_mode                 ? 
_em_image_recording.average_exposure_time         ? 
_em_image_recording.num_diffraction_images        ? 
_em_image_recording.num_grids_imaged              ? 
_em_image_recording.num_real_images               ? 
# 
loop_
_em_software.id 
_em_software.name 
_em_software.version 
_em_software.category 
_em_software.details 
_em_software.image_processing_id 
1 O      ? 'MODEL FITTING' ? ? 
2 SPIDER ? RECONSTRUCTION  ? 1 
# 
_em_specimen.experiment_id           1 
_em_specimen.id                      1 
_em_specimen.concentration           ? 
_em_specimen.vitrification_applied   YES 
_em_specimen.staining_applied        NO 
_em_specimen.embedding_applied       NO 
_em_specimen.shadowing_applied       NO 
_em_specimen.details                 ? 
# 
_pdbx_coordinate_model.asym_id   A 
_pdbx_coordinate_model.type      'CA ATOMS ONLY' 
# 
_pdbx_initial_refinement_model.id               1 
_pdbx_initial_refinement_model.type             'experimental model' 
_pdbx_initial_refinement_model.source_name      PDB 
_pdbx_initial_refinement_model.accession_code   1OB2 
# 
_atom_sites.entry_id                    1QZD 
_atom_sites.fract_transf_matrix[1][1]   1.000000 
_atom_sites.fract_transf_matrix[1][2]   0.000000 
_atom_sites.fract_transf_matrix[1][3]   0.000000 
_atom_sites.fract_transf_matrix[2][1]   0.000000 
_atom_sites.fract_transf_matrix[2][2]   1.000000 
_atom_sites.fract_transf_matrix[2][3]   0.000000 
_atom_sites.fract_transf_matrix[3][1]   0.000000 
_atom_sites.fract_transf_matrix[3][2]   0.000000 
_atom_sites.fract_transf_matrix[3][3]   1.000000 
_atom_sites.fract_transf_vector[1]      0.00000 
_atom_sites.fract_transf_vector[2]      0.00000 
_atom_sites.fract_transf_vector[3]      0.00000 
# 
_atom_type.symbol   C 
# 
loop_
_atom_site.group_PDB 
_atom_site.id 
_atom_site.type_symbol 
_atom_site.label_atom_id 
_atom_site.label_alt_id 
_atom_site.label_comp_id 
_atom_site.label_asym_id 
_atom_site.label_entity_id 
_atom_site.label_seq_id 
_atom_site.pdbx_PDB_ins_code 
_atom_site.Cartn_x 
_atom_site.Cartn_y 
_atom_site.Cartn_z 
_atom_site.occupancy 
_atom_site.B_iso_or_equiv 
_atom_site.pdbx_formal_charge 
_atom_site.auth_seq_id 
_atom_site.auth_comp_id 
_atom_site.auth_asym_id 
_atom_site.auth_atom_id 
_atom_site.pdbx_PDB_model_num 
ATOM 1   C CA . SER A 1 1   ? 3.327   -24.928 5.883   1.00 78.03 ? 1   SER A CA 1 
ATOM 2   C CA . LYS A 1 2   ? 4.351   -27.801 3.612   1.00 71.67 ? 2   LYS A CA 1 
ATOM 3   C CA . GLU A 1 3   ? 3.526   -26.667 0.098   1.00 60.16 ? 3   GLU A CA 1 
ATOM 4   C CA . LYS A 1 4   ? 6.551   -25.070 -1.517  1.00 52.41 ? 4   LYS A CA 1 
ATOM 5   C CA . PHE A 1 5   ? 5.933   -22.062 -3.695  1.00 38.15 ? 5   PHE A CA 1 
ATOM 6   C CA . GLU A 1 6   ? 8.432   -22.361 -6.515  1.00 49.58 ? 6   GLU A CA 1 
ATOM 7   C CA . ARG A 1 7   ? 9.603   -19.238 -8.258  1.00 58.16 ? 7   ARG A CA 1 
ATOM 8   C CA . THR A 1 8   ? 8.509   -18.407 -11.853 1.00 45.54 ? 8   THR A CA 1 
ATOM 9   C CA . LYS A 1 9   ? 7.806   -15.034 -13.505 1.00 38.72 ? 9   LYS A CA 1 
ATOM 10  C CA . PRO A 1 10  ? 8.565   -11.706 -11.834 1.00 27.86 ? 10  PRO A CA 1 
ATOM 11  C CA . HIS A 1 11  ? 6.482   -10.981 -8.738  1.00 31.65 ? 11  HIS A CA 1 
ATOM 12  C CA . VAL A 1 12  ? 4.356   -7.924  -9.036  1.00 24.20 ? 12  VAL A CA 1 
ATOM 13  C CA . ASN A 1 13  ? 2.109   -6.978  -6.120  1.00 29.83 ? 13  ASN A CA 1 
ATOM 14  C CA . VAL A 1 14  ? -0.898  -4.815  -6.839  1.00 24.32 ? 14  VAL A CA 1 
ATOM 15  C CA . GLY A 1 15  ? -4.322  -3.881  -5.471  1.00 26.52 ? 15  GLY A CA 1 
ATOM 16  C CA . THR A 1 16  ? -7.689  -2.123  -5.506  1.00 23.19 ? 16  THR A CA 1 
ATOM 17  C CA . ILE A 1 17  ? -8.524  1.446   -4.437  1.00 12.18 ? 17  ILE A CA 1 
ATOM 18  C CA . GLY A 1 18  ? -11.369 3.778   -5.264  1.00 34.05 ? 18  GLY A CA 1 
ATOM 19  C CA . HIS A 1 19  ? -14.565 5.225   -3.875  1.00 36.80 ? 19  HIS A CA 1 
ATOM 20  C CA . VAL A 1 20  ? -16.794 3.221   -1.577  1.00 34.60 ? 20  VAL A CA 1 
ATOM 21  C CA . ASP A 1 21  ? -19.620 0.825   -2.351  1.00 54.62 ? 21  ASP A CA 1 
ATOM 22  C CA . HIS A 1 22  ? -18.636 0.343   -5.959  1.00 46.06 ? 22  HIS A CA 1 
ATOM 23  C CA . GLY A 1 23  ? -16.444 -2.571  -6.995  1.00 41.90 ? 23  GLY A CA 1 
ATOM 24  C CA . LYS A 1 24  ? -13.117 -2.953  -5.193  1.00 29.31 ? 24  LYS A CA 1 
ATOM 25  C CA . THR A 1 25  ? -13.772 -5.806  -2.792  1.00 29.69 ? 25  THR A CA 1 
ATOM 26  C CA . THR A 1 26  ? -15.942 -7.832  -5.152  1.00 42.67 ? 26  THR A CA 1 
ATOM 27  C CA . LEU A 1 27  ? -13.775 -7.261  -8.197  1.00 31.31 ? 27  LEU A CA 1 
ATOM 28  C CA . THR A 1 28  ? -10.968 -8.815  -6.157  1.00 25.17 ? 28  THR A CA 1 
ATOM 29  C CA . ALA A 1 29  ? -12.849 -12.070 -5.610  1.00 18.17 ? 29  ALA A CA 1 
ATOM 30  C CA . ALA A 1 30  ? -13.793 -12.032 -9.288  1.00 19.94 ? 30  ALA A CA 1 
ATOM 31  C CA . ILE A 1 31  ? -10.187 -11.819 -10.541 1.00 26.06 ? 31  ILE A CA 1 
ATOM 32  C CA . THR A 1 32  ? -9.274  -14.626 -8.147  1.00 33.94 ? 32  THR A CA 1 
ATOM 33  C CA . THR A 1 33  ? -12.177 -16.878 -9.212  1.00 31.26 ? 33  THR A CA 1 
ATOM 34  C CA . VAL A 1 34  ? -12.077 -16.002 -12.886 1.00 22.40 ? 34  VAL A CA 1 
ATOM 35  C CA . LEU A 1 35  ? -8.375  -16.654 -13.193 1.00 20.76 ? 35  LEU A CA 1 
ATOM 36  C CA . ALA A 1 36  ? -8.771  -19.815 -11.106 1.00 36.66 ? 36  ALA A CA 1 
ATOM 37  C CA . LYS A 1 37  ? -9.750  -21.323 -14.436 1.00 50.94 ? 37  LYS A CA 1 
ATOM 38  C CA . THR A 1 38  ? -8.749  -19.140 -17.353 1.00 53.88 ? 38  THR A CA 1 
ATOM 39  C CA . TYR A 1 39  ? -5.193  -19.851 -15.999 1.00 33.96 ? 39  TYR A CA 1 
ATOM 40  C CA . GLY A 1 40  ? -6.078  -22.379 -13.271 1.00 45.11 ? 40  GLY A CA 1 
ATOM 41  C CA . GLY A 1 41  ? -4.999  -20.868 -9.952  1.00 52.12 ? 41  GLY A CA 1 
ATOM 42  C CA . ALA A 1 42  ? -7.102  -21.239 -6.776  1.00 49.33 ? 42  ALA A CA 1 
ATOM 43  C CA . ALA A 1 43  ? -9.875  -18.742 -5.979  1.00 44.14 ? 43  ALA A CA 1 
ATOM 44  C CA . ARG A 1 44  ? -11.767 -17.325 -2.995  1.00 44.24 ? 44  ARG A CA 1 
ATOM 45  C CA . ALA A 1 45  ? -15.034 -15.442 -2.427  1.00 37.63 ? 45  ALA A CA 1 
ATOM 46  C CA . PHE A 1 46  ? -16.417 -12.285 -0.873  1.00 26.66 ? 46  PHE A CA 1 
ATOM 47  C CA . ASP A 1 47  ? -17.274 -14.166 2.312   1.00 40.75 ? 47  ASP A CA 1 
ATOM 48  C CA . GLN A 1 48  ? -13.546 -14.904 2.393   1.00 35.01 ? 48  GLN A CA 1 
ATOM 49  C CA . ILE A 1 49  ? -12.145 -11.497 1.455   1.00 29.60 ? 49  ILE A CA 1 
ATOM 50  C CA . ASP A 1 50  ? -14.243 -9.397  3.842   1.00 24.77 ? 50  ASP A CA 1 
ATOM 51  C CA . ASN A 1 51  ? -13.911 -12.252 6.379   1.00 27.74 ? 51  ASN A CA 1 
ATOM 52  C CA . ALA A 1 52  ? -14.175 -9.886  9.335   1.00 29.06 ? 52  ALA A CA 1 
ATOM 53  C CA . PRO A 1 53  ? -17.588 -9.899  11.039  1.00 26.18 ? 53  PRO A CA 1 
ATOM 54  C CA . GLU A 1 54  ? -17.872 -6.133  11.344  1.00 28.36 ? 54  GLU A CA 1 
ATOM 55  C CA . GLU A 1 55  ? -17.292 -6.015  7.591   1.00 30.66 ? 55  GLU A CA 1 
ATOM 56  C CA . LYS A 1 56  ? -20.060 -8.559  7.190   1.00 33.61 ? 56  LYS A CA 1 
ATOM 57  C CA . ALA A 1 57  ? -22.663 -6.776  9.280   1.00 39.61 ? 57  ALA A CA 1 
ATOM 58  C CA . ARG A 1 58  ? -21.639 -3.291  8.184   1.00 35.00 ? 58  ARG A CA 1 
ATOM 59  C CA . GLY A 1 59  ? -20.985 -4.467  4.633   1.00 34.75 ? 59  GLY A CA 1 
ATOM 60  C CA . ILE A 1 60  ? -18.043 -2.198  4.021   1.00 38.74 ? 60  ILE A CA 1 
ATOM 61  C CA . THR A 1 61  ? -14.440 -3.485  4.293   1.00 26.46 ? 61  THR A CA 1 
ATOM 62  C CA . ILE A 1 62  ? -12.425 -2.000  7.149   1.00 11.47 ? 62  ILE A CA 1 
ATOM 63  C CA . ASN A 1 63  ? -8.922  -3.452  6.932   1.00 22.76 ? 63  ASN A CA 1 
ATOM 64  C CA . THR A 1 64  ? -7.024  -4.353  3.802   1.00 21.79 ? 64  THR A CA 1 
ATOM 65  C CA . SER A 1 65  ? -6.710  -8.076  3.145   1.00 33.14 ? 65  SER A CA 1 
ATOM 66  C CA . HIS A 1 66  ? -4.195  -9.865  0.949   1.00 30.72 ? 66  HIS A CA 1 
ATOM 67  C CA . VAL A 1 67  ? -5.072  -12.194 -1.875  1.00 17.81 ? 67  VAL A CA 1 
ATOM 68  C CA . GLU A 1 68  ? -3.104  -13.970 -4.580  1.00 31.57 ? 68  GLU A CA 1 
ATOM 69  C CA . TYR A 1 69  ? -3.611  -15.016 -8.174  1.00 22.49 ? 69  TYR A CA 1 
ATOM 70  C CA . ASP A 1 70  ? -1.484  -16.044 -11.188 1.00 35.19 ? 70  ASP A CA 1 
ATOM 71  C CA . THR A 1 71  ? -1.292  -14.634 -14.741 1.00 33.03 ? 71  THR A CA 1 
ATOM 72  C CA . PRO A 1 72  ? 0.962   -16.424 -17.251 1.00 38.91 ? 72  PRO A CA 1 
ATOM 73  C CA . THR A 1 73  ? 3.844   -13.982 -17.370 1.00 27.88 ? 73  THR A CA 1 
ATOM 74  C CA . ARG A 1 74  ? 3.734   -12.535 -13.812 1.00 28.30 ? 74  ARG A CA 1 
ATOM 75  C CA . HIS A 1 75  ? 2.859   -13.276 -10.207 1.00 33.99 ? 75  HIS A CA 1 
ATOM 76  C CA . TYR A 1 76  ? 0.351   -11.207 -8.314  1.00 21.93 ? 76  TYR A CA 1 
ATOM 77  C CA . ALA A 1 77  ? -0.017  -10.169 -4.683  1.00 17.07 ? 77  ALA A CA 1 
ATOM 78  C CA . HIS A 1 78  ? -3.317  -8.343  -4.402  1.00 22.20 ? 78  HIS A CA 1 
ATOM 79  C CA . VAL A 1 79  ? -4.404  -6.048  -1.639  1.00 23.14 ? 79  VAL A CA 1 
ATOM 80  C CA . ASP A 1 80  ? -7.992  -4.902  -1.245  1.00 20.15 ? 80  ASP A CA 1 
ATOM 81  C CA . CYS A 1 81  ? -8.334  -1.415  0.172   1.00 20.14 ? 81  CYS A CA 1 
ATOM 82  C CA . PRO A 1 82  ? -11.277 0.103   2.041   1.00 18.26 ? 82  PRO A CA 1 
ATOM 83  C CA . GLY A 1 83  ? -12.908 3.058   0.359   1.00 21.24 ? 83  GLY A CA 1 
ATOM 84  C CA . HIS A 1 84  ? -14.598 4.357   3.493   1.00 27.50 ? 84  HIS A CA 1 
ATOM 85  C CA . ALA A 1 85  ? -13.273 7.769   4.430   1.00 9.61  ? 85  ALA A CA 1 
ATOM 86  C CA . ASP A 1 86  ? -12.724 6.681   8.002   1.00 22.85 ? 86  ASP A CA 1 
ATOM 87  C CA . TYR A 1 87  ? -10.081 4.215   6.943   1.00 25.00 ? 87  TYR A CA 1 
ATOM 88  C CA . VAL A 1 88  ? -7.873  6.007   4.367   1.00 27.05 ? 88  VAL A CA 1 
ATOM 89  C CA . LYS A 1 89  ? -5.097  5.689   6.905   1.00 24.63 ? 89  LYS A CA 1 
ATOM 90  C CA . ASN A 1 90  ? -5.549  1.925   6.637   1.00 18.49 ? 90  ASN A CA 1 
ATOM 91  C CA . MET A 1 91  ? -5.372  1.891   2.829   1.00 10.34 ? 91  MET A CA 1 
ATOM 92  C CA . ILE A 1 92  ? -2.659  4.537   2.671   1.00 4.05  ? 92  ILE A CA 1 
ATOM 93  C CA . THR A 1 93  ? -0.276  1.976   4.115   1.00 18.73 ? 93  THR A CA 1 
ATOM 94  C CA . GLY A 1 94  ? -1.510  -0.727  1.771   1.00 15.08 ? 94  GLY A CA 1 
ATOM 95  C CA . ALA A 1 95  ? -1.137  1.383   -1.303  1.00 5.91  ? 95  ALA A CA 1 
ATOM 96  C CA . ALA A 1 96  ? 2.190   2.848   -0.220  1.00 15.62 ? 96  ALA A CA 1 
ATOM 97  C CA . GLN A 1 97  ? 3.787   -0.516  -1.090  1.00 25.57 ? 97  GLN A CA 1 
ATOM 98  C CA . MET A 1 98  ? 1.952   -1.076  -4.389  1.00 22.35 ? 98  MET A CA 1 
ATOM 99  C CA . ASP A 1 99  ? 3.635   -1.618  -7.753  1.00 25.45 ? 99  ASP A CA 1 
ATOM 100 C CA . GLY A 1 100 ? 0.617   -0.446  -9.693  1.00 24.35 ? 100 GLY A CA 1 
ATOM 101 C CA . ALA A 1 101 ? -3.002  0.082   -8.734  1.00 21.86 ? 101 ALA A CA 1 
ATOM 102 C CA . ILE A 1 102 ? -6.365  -0.874  -10.177 1.00 16.67 ? 102 ILE A CA 1 
ATOM 103 C CA . LEU A 1 103 ? -8.606  2.128   -9.560  1.00 16.16 ? 103 LEU A CA 1 
ATOM 104 C CA . VAL A 1 104 ? -12.143 0.687   -9.637  1.00 11.21 ? 104 VAL A CA 1 
ATOM 105 C CA . VAL A 1 105 ? -14.906 3.161   -10.560 1.00 21.79 ? 105 VAL A CA 1 
ATOM 106 C CA . ALA A 1 106 ? -18.630 2.456   -11.016 1.00 49.95 ? 106 ALA A CA 1 
ATOM 107 C CA . ALA A 1 107 ? -20.220 3.269   -14.365 1.00 52.52 ? 107 ALA A CA 1 
ATOM 108 C CA . THR A 1 108 ? -23.392 4.494   -12.724 1.00 39.56 ? 108 THR A CA 1 
ATOM 109 C CA . ASP A 1 109 ? -22.187 7.224   -10.365 1.00 46.16 ? 109 ASP A CA 1 
ATOM 110 C CA . GLY A 1 110 ? -18.740 8.006   -11.721 1.00 46.21 ? 110 GLY A CA 1 
ATOM 111 C CA . PRO A 1 111 ? -16.110 10.149  -9.960  1.00 47.82 ? 111 PRO A CA 1 
ATOM 112 C CA . MET A 1 112 ? -16.975 10.580  -6.281  1.00 47.66 ? 112 MET A CA 1 
ATOM 113 C CA . PRO A 1 113 ? -15.221 12.009  -3.209  1.00 40.30 ? 113 PRO A CA 1 
ATOM 114 C CA . GLN A 1 114 ? -13.354 8.871   -2.168  1.00 36.76 ? 114 GLN A CA 1 
ATOM 115 C CA . THR A 1 115 ? -12.225 8.492   -5.766  1.00 23.28 ? 115 THR A CA 1 
ATOM 116 C CA . ARG A 1 116 ? -10.417 11.816  -5.930  1.00 26.93 ? 116 ARG A CA 1 
ATOM 117 C CA . GLU A 1 117 ? -8.992  11.287  -2.390  1.00 33.75 ? 117 GLU A CA 1 
ATOM 118 C CA . HIS A 1 118 ? -7.490  7.901   -3.306  1.00 19.44 ? 118 HIS A CA 1 
ATOM 119 C CA . ILE A 1 119 ? -6.049  8.973   -6.616  1.00 9.58  ? 119 ILE A CA 1 
ATOM 120 C CA . LEU A 1 120 ? -4.410  11.946  -4.914  1.00 9.06  ? 120 LEU A CA 1 
ATOM 121 C CA . LEU A 1 121 ? -3.214  9.823   -2.030  1.00 15.44 ? 121 LEU A CA 1 
ATOM 122 C CA . GLY A 1 122 ? -1.959  7.464   -4.687  1.00 9.13  ? 122 GLY A CA 1 
ATOM 123 C CA . ARG A 1 123 ? 0.022   10.018  -6.626  1.00 16.25 ? 123 ARG A CA 1 
ATOM 124 C CA . GLN A 1 124 ? 1.279   11.217  -3.194  1.00 26.44 ? 124 GLN A CA 1 
ATOM 125 C CA . VAL A 1 125 ? 2.508   7.886   -1.899  1.00 23.63 ? 125 VAL A CA 1 
ATOM 126 C CA . GLY A 1 126 ? 4.679   5.852   -4.307  1.00 28.67 ? 126 GLY A CA 1 
ATOM 127 C CA . VAL A 1 127 ? 2.392   4.035   -6.818  1.00 21.49 ? 127 VAL A CA 1 
ATOM 128 C CA . PRO A 1 128 ? 3.587   4.476   -10.432 1.00 34.15 ? 128 PRO A CA 1 
ATOM 129 C CA . TYR A 1 129 ? 0.681   3.093   -12.461 1.00 38.50 ? 129 TYR A CA 1 
ATOM 130 C CA . ILE A 1 130 ? -3.105  3.140   -12.419 1.00 27.14 ? 130 ILE A CA 1 
ATOM 131 C CA . ILE A 1 131 ? -5.453  1.011   -14.481 1.00 25.60 ? 131 ILE A CA 1 
ATOM 132 C CA . VAL A 1 132 ? -9.038  2.316   -14.296 1.00 17.69 ? 132 VAL A CA 1 
ATOM 133 C CA . PHE A 1 133 ? -11.832 -0.246  -14.236 1.00 25.02 ? 133 PHE A CA 1 
ATOM 134 C CA . LEU A 1 134 ? -15.393 0.950   -15.000 1.00 30.13 ? 134 LEU A CA 1 
ATOM 135 C CA . ASN A 1 135 ? -17.591 -1.302  -12.924 1.00 25.55 ? 135 ASN A CA 1 
ATOM 136 C CA . LYS A 1 136 ? -21.279 -2.121  -12.873 1.00 42.42 ? 136 LYS A CA 1 
ATOM 137 C CA . CYS A 1 137 ? -21.501 -1.846  -16.651 1.00 49.69 ? 137 CYS A CA 1 
ATOM 138 C CA . ASP A 1 138 ? -24.279 -4.365  -16.216 1.00 49.04 ? 138 ASP A CA 1 
ATOM 139 C CA . MET A 1 139 ? -26.414 -1.488  -14.957 1.00 65.17 ? 139 MET A CA 1 
ATOM 140 C CA . VAL A 1 140 ? -25.912 0.962   -17.748 1.00 84.65 ? 140 VAL A CA 1 
ATOM 141 C CA . ASP A 1 141 ? -26.606 0.293   -21.391 1.00 89.38 ? 141 ASP A CA 1 
ATOM 142 C CA . ASP A 1 142 ? -25.999 3.610   -23.076 1.00 81.24 ? 142 ASP A CA 1 
ATOM 143 C CA . GLU A 1 143 ? -22.675 3.299   -24.893 1.00 80.67 ? 143 GLU A CA 1 
ATOM 144 C CA . GLU A 1 144 ? -22.778 7.099   -24.688 1.00 74.60 ? 144 GLU A CA 1 
ATOM 145 C CA . LEU A 1 145 ? -22.837 7.242   -20.888 1.00 64.75 ? 145 LEU A CA 1 
ATOM 146 C CA . LEU A 1 146 ? -19.557 5.353   -20.605 1.00 50.31 ? 146 LEU A CA 1 
ATOM 147 C CA . GLU A 1 147 ? -18.056 7.727   -23.198 1.00 62.58 ? 147 GLU A CA 1 
ATOM 148 C CA . LEU A 1 148 ? -19.038 10.556  -20.883 1.00 69.62 ? 148 LEU A CA 1 
ATOM 149 C CA . VAL A 1 149 ? -17.720 9.048   -17.626 1.00 55.23 ? 149 VAL A CA 1 
ATOM 150 C CA . GLU A 1 150 ? -14.451 7.676   -19.003 1.00 39.86 ? 150 GLU A CA 1 
ATOM 151 C CA . MET A 1 151 ? -13.890 11.048  -20.611 1.00 53.32 ? 151 MET A CA 1 
ATOM 152 C CA . GLU A 1 152 ? -14.172 12.421  -17.074 1.00 50.53 ? 152 GLU A CA 1 
ATOM 153 C CA . VAL A 1 153 ? -12.188 9.798   -15.140 1.00 26.44 ? 153 VAL A CA 1 
ATOM 154 C CA . ARG A 1 154 ? -9.276  10.584  -17.421 1.00 31.96 ? 154 ARG A CA 1 
ATOM 155 C CA . GLU A 1 155 ? -9.530  14.359  -17.077 1.00 56.67 ? 155 GLU A CA 1 
ATOM 156 C CA . LEU A 1 156 ? -9.461  13.597  -13.346 1.00 43.51 ? 156 LEU A CA 1 
ATOM 157 C CA . LEU A 1 157 ? -6.385  11.380  -13.253 1.00 27.45 ? 157 LEU A CA 1 
ATOM 158 C CA . SER A 1 158 ? -4.393  13.738  -15.484 1.00 43.21 ? 158 SER A CA 1 
ATOM 159 C CA . GLN A 1 159 ? -5.394  16.486  -13.049 1.00 44.44 ? 159 GLN A CA 1 
ATOM 160 C CA . TYR A 1 160 ? -3.210  14.923  -10.343 1.00 36.00 ? 160 TYR A CA 1 
ATOM 161 C CA . ASP A 1 161 ? -0.640  14.127  -13.026 1.00 29.31 ? 161 ASP A CA 1 
ATOM 162 C CA . PHE A 1 162 ? -1.108  10.625  -14.295 1.00 25.04 ? 162 PHE A CA 1 
ATOM 163 C CA . PRO A 1 163 ? -1.140  9.178   -17.786 1.00 38.11 ? 163 PRO A CA 1 
ATOM 164 C CA . GLY A 1 164 ? -4.921  9.257   -18.053 1.00 47.41 ? 164 GLY A CA 1 
ATOM 165 C CA . ASP A 1 165 ? -4.919  9.323   -21.812 1.00 52.65 ? 165 ASP A CA 1 
ATOM 166 C CA . ASP A 1 166 ? -2.437  6.507   -22.272 1.00 55.54 ? 166 ASP A CA 1 
ATOM 167 C CA . THR A 1 167 ? -4.312  5.029   -19.297 1.00 26.98 ? 167 THR A CA 1 
ATOM 168 C CA . PRO A 1 168 ? -5.963  1.679   -20.002 1.00 30.03 ? 168 PRO A CA 1 
ATOM 169 C CA . ILE A 1 169 ? -9.610  1.243   -19.016 1.00 30.43 ? 169 ILE A CA 1 
ATOM 170 C CA . VAL A 1 170 ? -11.432 -2.067  -18.893 1.00 32.98 ? 170 VAL A CA 1 
ATOM 171 C CA . ARG A 1 171 ? -15.257 -2.128  -19.097 1.00 39.42 ? 171 ARG A CA 1 
ATOM 172 C CA . GLY A 1 172 ? -16.898 -4.870  -17.099 1.00 39.13 ? 172 GLY A CA 1 
ATOM 173 C CA . SER A 1 173 ? -18.857 -6.064  -14.096 1.00 46.15 ? 173 SER A CA 1 
ATOM 174 C CA . ALA A 1 174 ? -17.511 -7.812  -11.038 1.00 40.12 ? 174 ALA A CA 1 
ATOM 175 C CA . LEU A 1 175 ? -20.439 -9.845  -9.648  1.00 54.73 ? 175 LEU A CA 1 
ATOM 176 C CA . LYS A 1 176 ? -21.481 -10.648 -13.185 1.00 49.34 ? 176 LYS A CA 1 
ATOM 177 C CA . ALA A 1 177 ? -18.092 -12.232 -13.812 1.00 26.00 ? 177 ALA A CA 1 
ATOM 178 C CA . LEU A 1 178 ? -17.819 -13.630 -10.293 1.00 22.11 ? 178 LEU A CA 1 
ATOM 179 C CA . GLU A 1 179 ? -21.169 -15.258 -10.903 1.00 45.04 ? 179 GLU A CA 1 
ATOM 180 C CA . GLY A 1 180 ? -20.331 -16.899 -14.217 1.00 47.20 ? 180 GLY A CA 1 
ATOM 181 C CA . ASP A 1 181 ? -21.681 -15.010 -17.216 1.00 53.59 ? 181 ASP A CA 1 
ATOM 182 C CA . ALA A 1 182 ? -18.686 -15.466 -19.474 1.00 36.72 ? 182 ALA A CA 1 
ATOM 183 C CA . GLU A 1 183 ? -19.437 -12.325 -21.503 1.00 48.79 ? 183 GLU A CA 1 
ATOM 184 C CA . TRP A 1 184 ? -17.902 -10.658 -18.456 1.00 44.06 ? 184 TRP A CA 1 
ATOM 185 C CA . GLU A 1 185 ? -15.407 -13.249 -17.263 1.00 37.63 ? 185 GLU A CA 1 
ATOM 186 C CA . ALA A 1 186 ? -13.675 -12.162 -20.446 1.00 45.11 ? 186 ALA A CA 1 
ATOM 187 C CA . LYS A 1 187 ? -13.559 -8.572  -19.233 1.00 32.22 ? 187 LYS A CA 1 
ATOM 188 C CA . ILE A 1 188 ? -11.882 -9.722  -16.031 1.00 25.74 ? 188 ILE A CA 1 
ATOM 189 C CA . LEU A 1 189 ? -9.041  -10.940 -18.234 1.00 23.04 ? 189 LEU A CA 1 
ATOM 190 C CA . GLU A 1 190 ? -8.956  -7.813  -20.413 1.00 34.83 ? 190 GLU A CA 1 
ATOM 191 C CA . LEU A 1 191 ? -7.790  -6.343  -17.091 1.00 22.14 ? 191 LEU A CA 1 
ATOM 192 C CA . ALA A 1 192 ? -5.861  -9.206  -15.673 1.00 20.39 ? 192 ALA A CA 1 
ATOM 193 C CA . GLY A 1 193 ? -4.242  -8.767  -19.069 1.00 41.57 ? 193 GLY A CA 1 
ATOM 194 C CA . PHE A 1 194 ? -3.003  -5.218  -18.532 1.00 35.41 ? 194 PHE A CA 1 
ATOM 195 C CA . LEU A 1 195 ? -1.378  -5.948  -15.173 1.00 29.27 ? 195 LEU A CA 1 
ATOM 196 C CA . ASP A 1 196 ? 1.345   -7.497  -17.339 1.00 17.35 ? 196 ASP A CA 1 
ATOM 197 C CA . SER A 1 197 ? 0.988   -5.491  -20.520 1.00 16.48 ? 197 SER A CA 1 
ATOM 198 C CA . TYR A 1 198 ? 1.183   -2.361  -18.437 1.00 29.74 ? 198 TYR A CA 1 
ATOM 199 C CA . ILE A 1 199 ? 3.181   -3.138  -15.246 1.00 37.99 ? 199 ILE A CA 1 
ATOM 200 C CA . PRO A 1 200 ? 6.043   -2.927  -16.509 1.00 34.70 ? 200 PRO A CA 1 
ATOM 201 C CA . GLU A 1 201 ? 8.464   -5.309  -14.629 1.00 52.35 ? 201 GLU A CA 1 
ATOM 202 C CA . PRO A 1 202 ? 9.612   -4.121  -11.157 1.00 55.39 ? 202 PRO A CA 1 
ATOM 203 C CA . GLU A 1 203 ? 13.272  -3.374  -10.373 1.00 67.52 ? 203 GLU A CA 1 
ATOM 204 C CA . ARG A 1 204 ? 14.248  -5.266  -7.231  1.00 72.54 ? 204 ARG A CA 1 
ATOM 205 C CA . ALA A 1 205 ? 17.067  -4.130  -4.931  1.00 60.35 ? 205 ALA A CA 1 
ATOM 206 C CA . ILE A 1 206 ? 18.880  -7.296  -3.768  1.00 42.27 ? 206 ILE A CA 1 
ATOM 207 C CA . ASP A 1 207 ? 22.321  -5.612  -4.151  1.00 52.56 ? 207 ASP A CA 1 
ATOM 208 C CA . LYS A 1 208 ? 21.879  -4.222  -0.641  1.00 27.86 ? 208 LYS A CA 1 
ATOM 209 C CA . PRO A 1 209 ? 21.305  -5.200  3.075   1.00 20.31 ? 209 PRO A CA 1 
ATOM 210 C CA . PHE A 1 210 ? 18.112  -6.764  4.432   1.00 24.42 ? 210 PHE A CA 1 
ATOM 211 C CA . LEU A 1 211 ? 15.230  -4.654  5.705   1.00 14.00 ? 211 LEU A CA 1 
ATOM 212 C CA . LEU A 1 212 ? 11.475  -5.161  5.857   1.00 15.15 ? 212 LEU A CA 1 
ATOM 213 C CA . PRO A 1 213 ? 9.086   -2.564  7.276   1.00 14.46 ? 213 PRO A CA 1 
ATOM 214 C CA . ILE A 1 214 ? 6.616   -4.565  9.312   1.00 6.88  ? 214 ILE A CA 1 
ATOM 215 C CA . GLU A 1 215 ? 2.982   -4.018  8.465   1.00 12.19 ? 215 GLU A CA 1 
ATOM 216 C CA . ASP A 1 216 ? 1.074   -6.803  10.117  1.00 19.97 ? 216 ASP A CA 1 
ATOM 217 C CA . VAL A 1 217 ? 1.640   -9.274  12.910  1.00 10.53 ? 217 VAL A CA 1 
ATOM 218 C CA . PHE A 1 218 ? 0.163   -12.699 13.568  1.00 14.18 ? 218 PHE A CA 1 
ATOM 219 C CA . SER A 1 219 ? 0.509   -15.520 16.083  1.00 28.01 ? 219 SER A CA 1 
ATOM 220 C CA . ILE A 1 220 ? 0.250   -18.915 14.333  1.00 29.89 ? 220 ILE A CA 1 
ATOM 221 C CA . SER A 1 221 ? -0.793  -21.561 16.829  1.00 40.98 ? 221 SER A CA 1 
ATOM 222 C CA . GLY A 1 222 ? 1.427   -24.198 15.352  1.00 34.61 ? 222 GLY A CA 1 
ATOM 223 C CA . ARG A 1 223 ? 4.552   -22.102 14.875  1.00 31.91 ? 223 ARG A CA 1 
ATOM 224 C CA . GLY A 1 224 ? 5.279   -18.789 16.559  1.00 26.55 ? 224 GLY A CA 1 
ATOM 225 C CA . THR A 1 225 ? 4.861   -15.046 16.026  1.00 9.72  ? 225 THR A CA 1 
ATOM 226 C CA . VAL A 1 226 ? 4.732   -13.837 12.446  1.00 20.57 ? 226 VAL A CA 1 
ATOM 227 C CA . VAL A 1 227 ? 5.280   -10.441 10.831  1.00 12.46 ? 227 VAL A CA 1 
ATOM 228 C CA . THR A 1 228 ? 4.466   -9.611  7.223   1.00 4.43  ? 228 THR A CA 1 
ATOM 229 C CA . GLY A 1 229 ? 5.492   -6.903  4.790   1.00 5.29  ? 229 GLY A CA 1 
ATOM 230 C CA . ARG A 1 230 ? 7.062   -5.986  1.453   1.00 15.49 ? 230 ARG A CA 1 
ATOM 231 C CA . VAL A 1 231 ? 10.792  -6.601  1.660   1.00 15.50 ? 231 VAL A CA 1 
ATOM 232 C CA . GLU A 1 232 ? 12.386  -3.202  1.037   1.00 13.44 ? 232 GLU A CA 1 
ATOM 233 C CA . ARG A 1 233 ? 15.664  -4.647  -0.211  1.00 17.20 ? 233 ARG A CA 1 
ATOM 234 C CA . GLY A 1 234 ? 18.072  -7.539  0.102   1.00 22.80 ? 234 GLY A CA 1 
ATOM 235 C CA . ILE A 1 235 ? 17.027  -11.013 1.155   1.00 10.91 ? 235 ILE A CA 1 
ATOM 236 C CA . ILE A 1 236 ? 16.475  -12.966 4.403   1.00 16.90 ? 236 ILE A CA 1 
ATOM 237 C CA . LYS A 1 237 ? 17.764  -16.483 4.217   1.00 29.75 ? 237 LYS A CA 1 
ATOM 238 C CA . VAL A 1 238 ? 15.827  -18.322 6.917   1.00 17.69 ? 238 VAL A CA 1 
ATOM 239 C CA . GLY A 1 239 ? 18.091  -18.978 9.849   1.00 26.25 ? 239 GLY A CA 1 
ATOM 240 C CA . GLU A 1 240 ? 19.764  -15.548 9.528   1.00 22.11 ? 240 GLU A CA 1 
ATOM 241 C CA . GLU A 1 241 ? 19.812  -12.985 12.289  1.00 31.95 ? 241 GLU A CA 1 
ATOM 242 C CA . VAL A 1 242 ? 17.505  -9.980  12.408  1.00 17.67 ? 242 VAL A CA 1 
ATOM 243 C CA . GLU A 1 243 ? 16.922  -6.932  14.574  1.00 20.29 ? 243 GLU A CA 1 
ATOM 244 C CA . ILE A 1 244 ? 13.439  -5.597  15.219  1.00 17.46 ? 244 ILE A CA 1 
ATOM 245 C CA . VAL A 1 245 ? 14.363  -1.903  15.095  1.00 13.89 ? 245 VAL A CA 1 
ATOM 246 C CA . GLY A 1 246 ? 12.515  1.212   16.274  1.00 5.42  ? 246 GLY A CA 1 
ATOM 247 C CA . ILE A 1 247 ? 9.526   2.281   18.395  1.00 4.10  ? 247 ILE A CA 1 
ATOM 248 C CA . LYS A 1 248 ? 10.275  -0.117  21.210  1.00 17.27 ? 248 LYS A CA 1 
ATOM 249 C CA . GLU A 1 249 ? 13.631  -1.151  22.630  1.00 24.84 ? 249 GLU A CA 1 
ATOM 250 C CA . THR A 1 250 ? 15.641  -2.834  19.848  1.00 18.86 ? 250 THR A CA 1 
ATOM 251 C CA . GLN A 1 251 ? 15.210  -6.604  19.866  1.00 21.75 ? 251 GLN A CA 1 
ATOM 252 C CA . LYS A 1 252 ? 17.448  -9.306  18.461  1.00 26.10 ? 252 LYS A CA 1 
ATOM 253 C CA . SER A 1 253 ? 16.099  -12.403 16.761  1.00 23.53 ? 253 SER A CA 1 
ATOM 254 C CA . THR A 1 254 ? 16.792  -15.135 14.231  1.00 36.47 ? 254 THR A CA 1 
ATOM 255 C CA . CYS A 1 255 ? 14.565  -15.972 11.280  1.00 23.39 ? 255 CYS A CA 1 
ATOM 256 C CA . THR A 1 256 ? 12.821  -19.298 11.555  1.00 11.84 ? 256 THR A CA 1 
ATOM 257 C CA . GLY A 1 257 ? 10.610  -19.275 8.504   1.00 21.34 ? 257 GLY A CA 1 
ATOM 258 C CA . VAL A 1 258 ? 9.550   -17.230 5.505   1.00 15.36 ? 258 VAL A CA 1 
ATOM 259 C CA . GLU A 1 259 ? 6.284   -18.103 3.811   1.00 25.25 ? 259 GLU A CA 1 
ATOM 260 C CA . MET A 1 260 ? 4.774   -16.630 0.654   1.00 11.02 ? 260 MET A CA 1 
ATOM 261 C CA . PHE A 1 261 ? 1.014   -16.976 0.901   1.00 14.02 ? 261 PHE A CA 1 
ATOM 262 C CA . ARG A 1 262 ? 0.795   -20.053 3.157   1.00 35.77 ? 262 ARG A CA 1 
ATOM 263 C CA . LYS A 1 263 ? 3.440   -21.680 0.919   1.00 28.36 ? 263 LYS A CA 1 
ATOM 264 C CA . LEU A 1 264 ? 6.817   -22.458 2.551   1.00 16.14 ? 264 LEU A CA 1 
ATOM 265 C CA . LEU A 1 265 ? 9.979   -20.642 1.417   1.00 24.98 ? 265 LEU A CA 1 
ATOM 266 C CA . ASP A 1 266 ? 13.699  -20.445 2.188   1.00 29.19 ? 266 ASP A CA 1 
ATOM 267 C CA . GLU A 1 267 ? 14.224  -16.799 1.302   1.00 33.76 ? 267 GLU A CA 1 
ATOM 268 C CA . GLY A 1 268 ? 12.367  -13.555 0.728   1.00 28.45 ? 268 GLY A CA 1 
ATOM 269 C CA . ARG A 1 269 ? 13.711  -11.209 -1.898  1.00 25.20 ? 269 ARG A CA 1 
ATOM 270 C CA . ALA A 1 270 ? 12.919  -7.536  -2.346  1.00 10.23 ? 270 ALA A CA 1 
ATOM 271 C CA . GLY A 1 271 ? 9.392   -6.855  -3.535  1.00 13.26 ? 271 GLY A CA 1 
ATOM 272 C CA . GLU A 1 272 ? 7.670   -9.893  -2.071  1.00 9.58  ? 272 GLU A CA 1 
ATOM 273 C CA . ASN A 1 273 ? 5.129   -9.329  0.684   1.00 17.50 ? 273 ASN A CA 1 
ATOM 274 C CA . VAL A 1 274 ? 6.103   -12.275 2.858   1.00 4.86  ? 274 VAL A CA 1 
ATOM 275 C CA . GLY A 1 275 ? 5.791   -13.533 6.399   1.00 16.39 ? 275 GLY A CA 1 
ATOM 276 C CA . VAL A 1 276 ? 8.572   -14.169 8.930   1.00 12.67 ? 276 VAL A CA 1 
ATOM 277 C CA . LEU A 1 277 ? 8.873   -16.279 12.074  1.00 20.99 ? 277 LEU A CA 1 
ATOM 278 C CA . LEU A 1 278 ? 11.242  -14.491 14.537  1.00 16.76 ? 278 LEU A CA 1 
ATOM 279 C CA . ARG A 1 279 ? 11.732  -16.951 17.425  1.00 19.38 ? 279 ARG A CA 1 
ATOM 280 C CA . GLY A 1 280 ? 11.331  -15.928 21.035  1.00 29.82 ? 280 GLY A CA 1 
ATOM 281 C CA . ILE A 1 281 ? 9.240   -12.888 20.109  1.00 25.75 ? 281 ILE A CA 1 
ATOM 282 C CA . LYS A 1 282 ? 5.685   -12.895 21.423  1.00 21.84 ? 282 LYS A CA 1 
ATOM 283 C CA . ARG A 1 283 ? 2.817   -10.958 19.771  1.00 28.39 ? 283 ARG A CA 1 
ATOM 284 C CA . GLU A 1 284 ? 2.948   -8.226  22.400  1.00 41.31 ? 284 GLU A CA 1 
ATOM 285 C CA . GLU A 1 285 ? 6.605   -7.314  21.714  1.00 34.93 ? 285 GLU A CA 1 
ATOM 286 C CA . ILE A 1 286 ? 6.559   -6.322  18.061  1.00 10.89 ? 286 ILE A CA 1 
ATOM 287 C CA . GLU A 1 287 ? 4.248   -4.056  16.070  1.00 18.01 ? 287 GLU A CA 1 
ATOM 288 C CA . ARG A 1 288 ? 3.515   -2.449  12.736  1.00 13.20 ? 288 ARG A CA 1 
ATOM 289 C CA . GLY A 1 289 ? 5.903   0.334   11.921  1.00 7.92  ? 289 GLY A CA 1 
ATOM 290 C CA . GLN A 1 290 ? 8.935   -1.522  13.162  1.00 6.66  ? 290 GLN A CA 1 
ATOM 291 C CA . VAL A 1 291 ? 11.551  -2.745  10.705  1.00 6.49  ? 291 VAL A CA 1 
ATOM 292 C CA . LEU A 1 292 ? 13.171  -6.154  10.542  1.00 13.45 ? 292 LEU A CA 1 
ATOM 293 C CA . ALA A 1 293 ? 16.783  -5.958  9.345   1.00 22.30 ? 293 ALA A CA 1 
ATOM 294 C CA . LYS A 1 294 ? 20.420  -7.001  9.079   1.00 16.80 ? 294 LYS A CA 1 
ATOM 295 C CA . PRO A 1 295 ? 21.805  -6.343  12.547  1.00 17.92 ? 295 PRO A CA 1 
ATOM 296 C CA . GLY A 1 296 ? 23.741  -3.096  12.925  1.00 26.91 ? 296 GLY A CA 1 
ATOM 297 C CA . THR A 1 297 ? 22.707  -1.640  9.585   1.00 18.68 ? 297 THR A CA 1 
ATOM 298 C CA . ILE A 1 298 ? 20.110  0.578   11.097  1.00 9.65  ? 298 ILE A CA 1 
ATOM 299 C CA . LYS A 1 299 ? 19.631  2.294   14.427  1.00 15.47 ? 299 LYS A CA 1 
ATOM 300 C CA . PRO A 1 300 ? 16.535  4.017   15.847  1.00 7.62  ? 300 PRO A CA 1 
ATOM 301 C CA . HIS A 1 301 ? 16.194  7.800   16.353  1.00 11.48 ? 301 HIS A CA 1 
ATOM 302 C CA . THR A 1 302 ? 14.033  10.582  17.767  1.00 15.84 ? 302 THR A CA 1 
ATOM 303 C CA . LYS A 1 303 ? 15.338  14.015  16.795  1.00 13.93 ? 303 LYS A CA 1 
ATOM 304 C CA . PHE A 1 304 ? 16.528  14.996  13.340  1.00 6.80  ? 304 PHE A CA 1 
ATOM 305 C CA . GLU A 1 305 ? 16.884  18.128  11.169  1.00 6.55  ? 305 GLU A CA 1 
ATOM 306 C CA . SER A 1 306 ? 14.888  18.020  7.971   1.00 14.36 ? 306 SER A CA 1 
ATOM 307 C CA . GLU A 1 307 ? 14.305  19.770  4.689   1.00 17.22 ? 307 GLU A CA 1 
ATOM 308 C CA . VAL A 1 308 ? 10.620  19.903  3.956   1.00 16.42 ? 308 VAL A CA 1 
ATOM 309 C CA . TYR A 1 309 ? 8.323   21.272  1.300   1.00 15.53 ? 309 TYR A CA 1 
ATOM 310 C CA . ILE A 1 310 ? 4.995   22.248  2.816   1.00 11.57 ? 310 ILE A CA 1 
ATOM 311 C CA . LEU A 1 311 ? 2.445   21.818  0.032   1.00 16.12 ? 311 LEU A CA 1 
ATOM 312 C CA . SER A 1 312 ? 0.107   24.744  -0.714  1.00 33.62 ? 312 SER A CA 1 
ATOM 313 C CA . LYS A 1 313 ? -3.711  24.764  -0.610  1.00 47.64 ? 313 LYS A CA 1 
ATOM 314 C CA . ASP A 1 314 ? -3.674  24.304  -4.364  1.00 42.48 ? 314 ASP A CA 1 
ATOM 315 C CA . GLU A 1 315 ? -2.072  20.967  -3.561  1.00 34.82 ? 315 GLU A CA 1 
ATOM 316 C CA . GLY A 1 316 ? -4.520  20.144  -0.796  1.00 29.03 ? 316 GLY A CA 1 
ATOM 317 C CA . GLY A 1 317 ? -2.523  21.438  2.157   1.00 6.43  ? 317 GLY A CA 1 
ATOM 318 C CA . ARG A 1 318 ? -2.721  23.989  4.913   1.00 11.22 ? 318 ARG A CA 1 
ATOM 319 C CA . HIS A 1 319 ? -3.863  27.523  4.089   1.00 29.06 ? 319 HIS A CA 1 
ATOM 320 C CA . THR A 1 320 ? -2.809  29.036  7.392   1.00 26.53 ? 320 THR A CA 1 
ATOM 321 C CA . PRO A 1 321 ? 0.806   29.187  8.554   1.00 13.38 ? 321 PRO A CA 1 
ATOM 322 C CA . PHE A 1 322 ? 2.246   27.064  11.386  1.00 10.92 ? 322 PHE A CA 1 
ATOM 323 C CA . PHE A 1 323 ? 4.850   27.925  14.060  1.00 6.61  ? 323 PHE A CA 1 
ATOM 324 C CA . LYS A 1 324 ? 7.009   26.511  16.825  1.00 17.64 ? 324 LYS A CA 1 
ATOM 325 C CA . GLY A 1 325 ? 5.142   23.680  18.454  1.00 14.76 ? 325 GLY A CA 1 
ATOM 326 C CA . TYR A 1 326 ? 3.164   22.522  15.477  1.00 12.76 ? 326 TYR A CA 1 
ATOM 327 C CA . ARG A 1 327 ? 3.036   18.770  15.871  1.00 7.74  ? 327 ARG A CA 1 
ATOM 328 C CA . PRO A 1 328 ? 1.519   16.790  12.991  1.00 5.58  ? 328 PRO A CA 1 
ATOM 329 C CA . GLN A 1 329 ? 2.173   13.207  12.021  1.00 14.53 ? 329 GLN A CA 1 
ATOM 330 C CA . PHE A 1 330 ? 5.339   12.137  10.228  1.00 10.97 ? 330 PHE A CA 1 
ATOM 331 C CA . TYR A 1 331 ? 4.858   9.066   8.010   1.00 15.32 ? 331 TYR A CA 1 
ATOM 332 C CA . PHE A 1 332 ? 7.855   6.694   7.884   1.00 1.00  ? 332 PHE A CA 1 
ATOM 333 C CA . ARG A 1 333 ? 7.583   3.585   5.748   1.00 7.54  ? 333 ARG A CA 1 
ATOM 334 C CA . THR A 1 334 ? 4.717   1.604   7.220   1.00 2.88  ? 334 THR A CA 1 
ATOM 335 C CA . THR A 1 335 ? 3.445   4.116   9.791   1.00 17.29 ? 335 THR A CA 1 
ATOM 336 C CA . ASP A 1 336 ? 3.376   7.587   11.207  1.00 11.63 ? 336 ASP A CA 1 
ATOM 337 C CA . VAL A 1 337 ? 4.190   9.228   14.487  1.00 4.13  ? 337 VAL A CA 1 
ATOM 338 C CA . THR A 1 338 ? 3.511   12.578  16.016  1.00 9.89  ? 338 THR A CA 1 
ATOM 339 C CA . GLY A 1 339 ? 6.646   14.655  16.323  1.00 13.38 ? 339 GLY A CA 1 
ATOM 340 C CA . THR A 1 340 ? 7.064   18.337  17.241  1.00 20.19 ? 340 THR A CA 1 
ATOM 341 C CA . ILE A 1 341 ? 8.492   21.109  15.064  1.00 19.07 ? 341 ILE A CA 1 
ATOM 342 C CA . GLU A 1 342 ? 11.109  23.680  16.029  1.00 25.28 ? 342 GLU A CA 1 
ATOM 343 C CA . LEU A 1 343 ? 11.828  26.421  13.493  1.00 11.14 ? 343 LEU A CA 1 
ATOM 344 C CA . PRO A 1 344 ? 15.253  28.038  12.822  1.00 21.62 ? 344 PRO A CA 1 
ATOM 345 C CA . GLU A 1 345 ? 16.446  31.041  14.806  1.00 34.03 ? 345 GLU A CA 1 
ATOM 346 C CA . GLY A 1 346 ? 15.575  33.399  11.996  1.00 21.49 ? 346 GLY A CA 1 
ATOM 347 C CA . VAL A 1 347 ? 12.229  32.005  10.870  1.00 21.50 ? 347 VAL A CA 1 
ATOM 348 C CA . GLU A 1 348 ? 8.975   32.625  12.697  1.00 13.09 ? 348 GLU A CA 1 
ATOM 349 C CA . MET A 1 349 ? 6.384   31.023  10.476  1.00 17.36 ? 349 MET A CA 1 
ATOM 350 C CA . VAL A 1 350 ? 5.870   28.605  7.614   1.00 10.44 ? 350 VAL A CA 1 
ATOM 351 C CA . MET A 1 351 ? 3.381   29.355  4.815   1.00 11.60 ? 351 MET A CA 1 
ATOM 352 C CA . PRO A 1 352 ? 1.870   26.563  2.744   1.00 20.91 ? 352 PRO A CA 1 
ATOM 353 C CA . GLY A 1 353 ? 4.038   26.379  -0.363  1.00 12.79 ? 353 GLY A CA 1 
ATOM 354 C CA . ASP A 1 354 ? 7.204   27.479  1.473   1.00 11.88 ? 354 ASP A CA 1 
ATOM 355 C CA . ASN A 1 355 ? 10.201  25.213  1.878   1.00 20.94 ? 355 ASN A CA 1 
ATOM 356 C CA . ILE A 1 356 ? 11.690  24.952  5.331   1.00 21.61 ? 356 ILE A CA 1 
ATOM 357 C CA . LYS A 1 357 ? 14.472  23.434  7.340   1.00 16.61 ? 357 LYS A CA 1 
ATOM 358 C CA . MET A 1 358 ? 13.022  22.335  10.658  1.00 13.34 ? 358 MET A CA 1 
ATOM 359 C CA . VAL A 1 359 ? 14.182  20.052  13.470  1.00 14.90 ? 359 VAL A CA 1 
ATOM 360 C CA . VAL A 1 360 ? 11.649  17.387  14.397  1.00 12.62 ? 360 VAL A CA 1 
ATOM 361 C CA . THR A 1 361 ? 11.320  15.310  17.566  1.00 13.02 ? 361 THR A CA 1 
ATOM 362 C CA . LEU A 1 362 ? 9.003   12.311  17.372  1.00 6.07  ? 362 LEU A CA 1 
ATOM 363 C CA . ILE A 1 363 ? 7.282   10.938  20.422  1.00 9.44  ? 363 ILE A CA 1 
ATOM 364 C CA . HIS A 1 364 ? 8.711   7.530   19.448  1.00 17.04 ? 364 HIS A CA 1 
ATOM 365 C CA . PRO A 1 365 ? 12.052  6.445   18.137  1.00 5.54  ? 365 PRO A CA 1 
ATOM 366 C CA . ILE A 1 366 ? 12.051  5.183   14.548  1.00 6.00  ? 366 ILE A CA 1 
ATOM 367 C CA . ALA A 1 367 ? 14.404  3.309   12.236  1.00 3.82  ? 367 ALA A CA 1 
ATOM 368 C CA . MET A 1 368 ? 15.920  6.060   10.153  1.00 12.76 ? 368 MET A CA 1 
ATOM 369 C CA . ASP A 1 369 ? 19.050  6.770   8.098   1.00 18.42 ? 369 ASP A CA 1 
ATOM 370 C CA . ASP A 1 370 ? 20.067  10.224  6.978   1.00 13.84 ? 370 ASP A CA 1 
ATOM 371 C CA . GLY A 1 371 ? 18.294  10.884  3.681   1.00 17.61 ? 371 GLY A CA 1 
ATOM 372 C CA . LEU A 1 372 ? 15.176  8.836   4.438   1.00 5.31  ? 372 LEU A CA 1 
ATOM 373 C CA . ARG A 1 373 ? 12.135  10.398  2.882   1.00 10.58 ? 373 ARG A CA 1 
ATOM 374 C CA . PHE A 1 374 ? 8.948   10.943  4.887   1.00 12.14 ? 374 PHE A CA 1 
ATOM 375 C CA . ALA A 1 375 ? 5.544   12.558  4.620   1.00 7.16  ? 375 ALA A CA 1 
ATOM 376 C CA . ILE A 1 376 ? 3.566   14.832  6.937   1.00 10.56 ? 376 ILE A CA 1 
ATOM 377 C CA . ARG A 1 377 ? -0.218  14.479  7.232   1.00 15.32 ? 377 ARG A CA 1 
ATOM 378 C CA . GLU A 1 378 ? -2.226  16.410  9.800   1.00 15.72 ? 378 GLU A CA 1 
ATOM 379 C CA . GLY A 1 379 ? -5.822  16.773  10.761  1.00 14.64 ? 379 GLY A CA 1 
ATOM 380 C CA . GLY A 1 380 ? -6.958  14.881  7.697   1.00 17.17 ? 380 GLY A CA 1 
ATOM 381 C CA . ARG A 1 381 ? -4.808  16.046  4.785   1.00 24.07 ? 381 ARG A CA 1 
ATOM 382 C CA . THR A 1 382 ? -1.156  15.775  3.676   1.00 12.61 ? 382 THR A CA 1 
ATOM 383 C CA . VAL A 1 383 ? 0.572   18.835  5.059   1.00 6.86  ? 383 VAL A CA 1 
ATOM 384 C CA . GLY A 1 384 ? 3.934   18.392  3.393   1.00 14.11 ? 384 GLY A CA 1 
ATOM 385 C CA . ALA A 1 385 ? 6.710   16.239  1.941   1.00 13.47 ? 385 ALA A CA 1 
ATOM 386 C CA . GLY A 1 386 ? 10.275  16.109  3.222   1.00 11.81 ? 386 GLY A CA 1 
ATOM 387 C CA . VAL A 1 387 ? 13.430  14.143  3.984   1.00 11.54 ? 387 VAL A CA 1 
ATOM 388 C CA . VAL A 1 388 ? 15.712  13.382  6.911   1.00 5.24  ? 388 VAL A CA 1 
ATOM 389 C CA . ALA A 1 389 ? 18.721  15.576  6.287   1.00 6.55  ? 389 ALA A CA 1 
ATOM 390 C CA . LYS A 1 390 ? 20.647  15.149  9.501   1.00 13.02 ? 390 LYS A CA 1 
ATOM 391 C CA . VAL A 1 391 ? 19.880  12.889  12.422  1.00 6.91  ? 391 VAL A CA 1 
ATOM 392 C CA . LEU A 1 392 ? 20.444  14.499  15.817  1.00 22.01 ? 392 LEU A CA 1 
ATOM 393 C CA . SER A 1 393 ? 18.775  11.869  18.037  1.00 43.89 ? 393 SER A CA 1 
# 
